data_6DHU
#
_entry.id   6DHU
#
_cell.length_a   50.054
_cell.length_b   105.259
_cell.length_c   193.907
_cell.angle_alpha   90.00
_cell.angle_beta   90.00
_cell.angle_gamma   90.00
#
_symmetry.space_group_name_H-M   'P 21 21 21'
#
loop_
_entity.id
_entity.type
_entity.pdbx_description
1 polymer 'Tyrosyl-DNA phosphodiesterase 1'
2 non-polymer 'benzene-1,2,4-tricarboxylic acid'
3 non-polymer 1,2-ETHANEDIOL
4 water water
#
_entity_poly.entity_id   1
_entity_poly.type   'polypeptide(L)'
_entity_poly.pdbx_seq_one_letter_code
;SGEGQDIWDMLDKGNPFQFYLTRVSGVKPKYNSGALHIKDILSPLFGTLVSSAQFNYCFDVDWLVKQYPPEFRKKPILLV
HGDKREAKAHLHAQAKPYENISLCQAKLDIAFGTHHTKMMLLLYEEGLRVVIHTSNLIHADWHQKTQGIWLSPLYPRIAD
GTHKSGESPTHFKADLISYLMAYNAPSLKEWIDVIHKHDLSETNVYLIGSTPGRFQGSQKDNWGHFRLKKLLKDHASSMP
NAESWPVVGQFSSVGSLGADESKWLCSEFKESMLTLGKESKTPGKSSVPLYLIYPSVENVRTSLEGYPAGGSLPYSIQTA
EKQNWLHSYFHKWSAETSGRSNAMPHIKTYMRPSPDFSKIAWFLVTSANLSKAAWGALEKNGTQLMIRSYELGVLFLPSA
FGLDSFKVKQKFFAGSQEPMATFPVPYDLPPELYGSKDRPWIWNIPYVKAPDTHGNMWVPS
;
_entity_poly.pdbx_strand_id   A,B
#
loop_
_chem_comp.id
_chem_comp.type
_chem_comp.name
_chem_comp.formula
EDO non-polymer 1,2-ETHANEDIOL 'C2 H6 O2'
GHM non-polymer 'benzene-1,2,4-tricarboxylic acid' 'C9 H6 O6'
#
# COMPACT_ATOMS: atom_id res chain seq x y z
N ASN A 15 -18.24 12.43 9.72
CA ASN A 15 -18.18 11.06 9.23
C ASN A 15 -16.83 10.79 8.55
N PRO A 16 -16.33 9.57 8.67
CA PRO A 16 -15.08 9.24 7.97
C PRO A 16 -15.27 9.04 6.47
N PHE A 17 -16.50 8.82 6.00
CA PHE A 17 -16.64 8.32 4.63
C PHE A 17 -16.75 9.43 3.60
N GLN A 18 -17.35 10.57 3.93
CA GLN A 18 -17.43 11.69 3.00
C GLN A 18 -18.12 11.28 1.69
N PHE A 19 -19.15 10.46 1.85
CA PHE A 19 -20.00 10.03 0.74
C PHE A 19 -21.32 10.79 0.85
N TYR A 20 -21.64 11.54 -0.20
CA TYR A 20 -22.81 12.42 -0.25
C TYR A 20 -23.73 12.06 -1.40
N LEU A 21 -24.99 12.44 -1.27
CA LEU A 21 -25.92 12.48 -2.40
C LEU A 21 -26.11 13.92 -2.87
N THR A 22 -26.49 14.08 -4.13
CA THR A 22 -26.83 15.39 -4.63
C THR A 22 -28.18 15.84 -4.06
N ARG A 23 -28.38 17.16 -4.02
CA ARG A 23 -29.65 17.72 -3.62
C ARG A 23 -30.75 17.35 -4.61
N VAL A 24 -31.94 17.02 -4.11
CA VAL A 24 -33.10 16.71 -4.95
C VAL A 24 -34.19 17.76 -4.71
N SER A 25 -34.60 18.44 -5.77
N SER A 25 -34.59 18.45 -5.77
CA SER A 25 -35.66 19.44 -5.67
CA SER A 25 -35.67 19.42 -5.68
C SER A 25 -37.02 18.74 -5.55
C SER A 25 -37.00 18.69 -5.53
N GLY A 26 -37.69 18.94 -4.42
CA GLY A 26 -39.02 18.40 -4.21
C GLY A 26 -39.15 17.48 -3.00
N VAL A 27 -38.05 17.02 -2.44
CA VAL A 27 -38.13 16.25 -1.21
C VAL A 27 -38.12 17.21 -0.02
N LYS A 28 -38.55 16.71 1.12
CA LYS A 28 -38.57 17.53 2.32
C LYS A 28 -37.15 17.91 2.73
N PRO A 29 -36.99 19.05 3.42
CA PRO A 29 -35.64 19.50 3.80
C PRO A 29 -34.82 18.50 4.58
N LYS A 30 -35.45 17.63 5.39
CA LYS A 30 -34.69 16.61 6.12
C LYS A 30 -33.94 15.67 5.18
N TYR A 31 -34.40 15.51 3.94
CA TYR A 31 -33.74 14.64 2.98
C TYR A 31 -32.72 15.37 2.13
N ASN A 32 -32.55 16.68 2.30
CA ASN A 32 -31.46 17.40 1.67
C ASN A 32 -30.45 17.96 2.67
N SER A 33 -30.67 17.77 3.98
CA SER A 33 -29.85 18.46 4.97
C SER A 33 -28.37 18.14 4.76
N GLY A 34 -28.04 16.87 4.60
CA GLY A 34 -26.65 16.54 4.35
C GLY A 34 -26.28 16.29 2.89
N ALA A 35 -27.11 16.77 1.97
CA ALA A 35 -26.84 16.59 0.54
C ALA A 35 -26.05 17.78 0.02
N LEU A 36 -25.49 17.63 -1.18
CA LEU A 36 -24.64 18.65 -1.77
C LEU A 36 -25.11 18.98 -3.18
N HIS A 37 -25.26 20.27 -3.46
CA HIS A 37 -25.42 20.75 -4.83
C HIS A 37 -24.06 21.16 -5.38
N ILE A 38 -23.97 21.25 -6.72
CA ILE A 38 -22.70 21.64 -7.32
C ILE A 38 -22.27 23.02 -6.84
N LYS A 39 -23.23 23.93 -6.61
CA LYS A 39 -22.86 25.24 -6.07
C LYS A 39 -22.22 25.13 -4.69
N ASP A 40 -22.66 24.18 -3.85
CA ASP A 40 -22.00 23.97 -2.57
C ASP A 40 -20.56 23.50 -2.75
N ILE A 41 -20.35 22.59 -3.70
CA ILE A 41 -19.01 22.03 -3.91
C ILE A 41 -18.03 23.11 -4.36
N LEU A 42 -18.48 24.02 -5.22
CA LEU A 42 -17.61 25.04 -5.79
C LEU A 42 -17.55 26.30 -4.95
N SER A 43 -18.25 26.30 -3.80
CA SER A 43 -18.38 27.50 -2.99
C SER A 43 -17.02 27.89 -2.40
N PRO A 44 -16.82 29.18 -2.12
N PRO A 44 -16.81 29.18 -2.12
CA PRO A 44 -15.55 29.60 -1.49
CA PRO A 44 -15.55 29.59 -1.49
C PRO A 44 -15.33 28.97 -0.12
C PRO A 44 -15.33 28.98 -0.12
N LEU A 45 -16.39 28.49 0.53
CA LEU A 45 -16.23 27.78 1.80
C LEU A 45 -15.41 26.51 1.65
N PHE A 46 -15.37 25.92 0.46
CA PHE A 46 -14.57 24.71 0.24
C PHE A 46 -13.11 25.02 -0.12
N GLY A 47 -12.80 26.26 -0.45
CA GLY A 47 -11.45 26.66 -0.80
C GLY A 47 -11.48 27.84 -1.76
N THR A 48 -10.33 28.52 -1.85
CA THR A 48 -10.18 29.69 -2.73
C THR A 48 -9.65 29.20 -4.07
N LEU A 49 -10.53 29.14 -5.06
CA LEU A 49 -10.22 28.47 -6.31
C LEU A 49 -9.17 29.22 -7.13
N VAL A 50 -8.19 28.46 -7.62
CA VAL A 50 -7.16 28.95 -8.53
C VAL A 50 -7.36 28.40 -9.95
N SER A 51 -7.74 27.14 -10.05
N SER A 51 -7.75 27.13 -10.05
CA SER A 51 -8.05 26.53 -11.34
CA SER A 51 -7.86 26.41 -11.33
C SER A 51 -8.75 25.21 -11.05
C SER A 51 -8.66 25.14 -11.06
N SER A 52 -9.35 24.65 -12.08
CA SER A 52 -10.12 23.41 -11.92
C SER A 52 -10.11 22.62 -13.22
N ALA A 53 -10.26 21.31 -13.09
CA ALA A 53 -10.46 20.41 -14.21
C ALA A 53 -11.78 19.68 -13.99
N GLN A 54 -12.62 19.64 -15.03
CA GLN A 54 -13.91 18.97 -15.00
C GLN A 54 -13.87 17.80 -15.99
N PHE A 55 -13.77 16.59 -15.46
CA PHE A 55 -13.85 15.37 -16.28
C PHE A 55 -15.31 14.98 -16.36
N ASN A 56 -15.83 14.77 -17.57
CA ASN A 56 -17.21 14.34 -17.65
C ASN A 56 -17.53 13.78 -19.01
N TYR A 57 -18.80 13.44 -19.19
CA TYR A 57 -19.34 12.95 -20.44
C TYR A 57 -20.10 14.04 -21.18
N CYS A 58 -21.13 14.60 -20.54
N CYS A 58 -21.12 14.62 -20.53
CA CYS A 58 -21.97 15.66 -21.08
CA CYS A 58 -21.97 15.64 -21.14
C CYS A 58 -21.66 16.97 -20.38
C CYS A 58 -21.83 16.96 -20.40
N PHE A 59 -21.68 18.07 -21.14
CA PHE A 59 -21.45 19.40 -20.60
C PHE A 59 -22.47 20.38 -21.16
N ASP A 60 -23.04 21.20 -20.29
CA ASP A 60 -23.72 22.45 -20.66
C ASP A 60 -22.84 23.57 -20.13
N VAL A 61 -22.03 24.16 -21.01
CA VAL A 61 -20.96 25.04 -20.55
C VAL A 61 -21.52 26.32 -19.92
N ASP A 62 -22.56 26.91 -20.55
N ASP A 62 -22.56 26.90 -20.54
CA ASP A 62 -23.19 28.09 -19.97
CA ASP A 62 -23.18 28.10 -19.95
C ASP A 62 -23.67 27.81 -18.55
C ASP A 62 -23.70 27.81 -18.55
N TRP A 63 -24.38 26.68 -18.37
CA TRP A 63 -24.83 26.29 -17.04
C TRP A 63 -23.65 26.06 -16.10
N LEU A 64 -22.61 25.38 -16.57
CA LEU A 64 -21.49 25.01 -15.71
C LEU A 64 -20.81 26.24 -15.14
N VAL A 65 -20.53 27.25 -15.98
CA VAL A 65 -19.82 28.43 -15.49
C VAL A 65 -20.66 29.15 -14.42
N LYS A 66 -21.99 29.19 -14.61
CA LYS A 66 -22.86 29.80 -13.60
C LYS A 66 -22.84 29.07 -12.26
N GLN A 67 -22.37 27.81 -12.20
CA GLN A 67 -22.32 27.12 -10.90
C GLN A 67 -21.10 27.52 -10.08
N TYR A 68 -20.07 28.07 -10.71
CA TYR A 68 -18.93 28.60 -9.97
C TYR A 68 -19.34 29.92 -9.32
N PRO A 69 -18.76 30.25 -8.17
CA PRO A 69 -19.05 31.56 -7.56
C PRO A 69 -18.61 32.67 -8.49
N PRO A 70 -19.34 33.80 -8.50
CA PRO A 70 -19.01 34.86 -9.46
C PRO A 70 -17.54 35.26 -9.44
N GLU A 71 -16.95 35.36 -8.26
CA GLU A 71 -15.56 35.76 -8.15
C GLU A 71 -14.59 34.72 -8.72
N PHE A 72 -15.05 33.48 -8.93
CA PHE A 72 -14.18 32.44 -9.47
C PHE A 72 -14.48 32.11 -10.93
N ARG A 73 -15.42 32.80 -11.58
CA ARG A 73 -15.86 32.36 -12.89
C ARG A 73 -14.85 32.61 -14.00
N LYS A 74 -13.78 33.36 -13.75
CA LYS A 74 -12.77 33.57 -14.76
C LYS A 74 -11.48 32.81 -14.51
N LYS A 75 -11.43 31.99 -13.45
CA LYS A 75 -10.29 31.12 -13.23
C LYS A 75 -10.23 30.05 -14.32
N PRO A 76 -9.03 29.57 -14.64
CA PRO A 76 -8.92 28.54 -15.69
C PRO A 76 -9.76 27.31 -15.38
N ILE A 77 -10.45 26.81 -16.40
CA ILE A 77 -11.19 25.55 -16.34
C ILE A 77 -10.76 24.68 -17.50
N LEU A 78 -10.42 23.43 -17.22
CA LEU A 78 -10.15 22.43 -18.24
C LEU A 78 -11.33 21.47 -18.30
N LEU A 79 -11.91 21.27 -19.48
CA LEU A 79 -12.95 20.27 -19.70
C LEU A 79 -12.32 19.05 -20.35
N VAL A 80 -12.41 17.89 -19.69
CA VAL A 80 -11.88 16.64 -20.21
C VAL A 80 -13.06 15.80 -20.69
N HIS A 81 -13.08 15.49 -21.99
CA HIS A 81 -14.25 14.92 -22.65
C HIS A 81 -13.79 13.88 -23.64
N GLY A 82 -14.74 13.17 -24.24
CA GLY A 82 -14.41 12.17 -25.24
C GLY A 82 -15.01 12.40 -26.61
N ASP A 83 -15.59 13.58 -26.83
CA ASP A 83 -16.36 13.83 -28.06
C ASP A 83 -15.45 13.92 -29.29
N LYS A 84 -16.00 13.50 -30.43
CA LYS A 84 -15.31 13.52 -31.72
C LYS A 84 -16.16 14.24 -32.75
N ARG A 85 -15.52 14.63 -33.85
CA ARG A 85 -16.20 15.09 -35.08
C ARG A 85 -17.19 16.21 -34.73
N GLU A 86 -18.46 16.11 -35.15
CA GLU A 86 -19.40 17.22 -34.96
C GLU A 86 -19.70 17.44 -33.49
N ALA A 87 -19.77 16.36 -32.69
CA ALA A 87 -19.95 16.51 -31.25
C ALA A 87 -18.81 17.32 -30.64
N LYS A 88 -17.58 17.04 -31.06
CA LYS A 88 -16.43 17.81 -30.58
C LYS A 88 -16.55 19.27 -31.01
N ALA A 89 -16.94 19.52 -32.26
CA ALA A 89 -17.14 20.89 -32.72
C ALA A 89 -18.19 21.61 -31.88
N HIS A 90 -19.29 20.92 -31.54
CA HIS A 90 -20.35 21.55 -30.76
C HIS A 90 -19.85 21.96 -29.38
N LEU A 91 -19.02 21.11 -28.75
CA LEU A 91 -18.51 21.45 -27.43
C LEU A 91 -17.54 22.62 -27.49
N HIS A 92 -16.65 22.63 -28.50
CA HIS A 92 -15.76 23.76 -28.67
C HIS A 92 -16.55 25.05 -28.88
N ALA A 93 -17.64 24.98 -29.65
CA ALA A 93 -18.48 26.16 -29.87
C ALA A 93 -19.11 26.63 -28.56
N GLN A 94 -19.51 25.70 -27.69
CA GLN A 94 -20.06 26.08 -26.38
C GLN A 94 -19.03 26.84 -25.56
N ALA A 95 -17.77 26.46 -25.66
CA ALA A 95 -16.74 26.98 -24.77
C ALA A 95 -16.06 28.23 -25.31
N LYS A 96 -16.09 28.45 -26.62
CA LYS A 96 -15.41 29.60 -27.22
C LYS A 96 -15.77 30.94 -26.58
N PRO A 97 -17.02 31.22 -26.16
CA PRO A 97 -17.29 32.50 -25.48
C PRO A 97 -16.48 32.72 -24.20
N TYR A 98 -15.91 31.68 -23.60
CA TYR A 98 -15.21 31.80 -22.32
C TYR A 98 -13.73 31.59 -22.56
N GLU A 99 -12.96 32.68 -22.50
CA GLU A 99 -11.54 32.60 -22.85
C GLU A 99 -10.73 31.77 -21.86
N ASN A 100 -11.25 31.56 -20.66
CA ASN A 100 -10.56 30.84 -19.60
C ASN A 100 -10.77 29.33 -19.66
N ILE A 101 -11.56 28.82 -20.60
CA ILE A 101 -11.86 27.39 -20.69
C ILE A 101 -10.99 26.77 -21.76
N SER A 102 -10.24 25.72 -21.38
CA SER A 102 -9.51 24.86 -22.29
C SER A 102 -10.17 23.49 -22.34
N LEU A 103 -9.86 22.74 -23.40
CA LEU A 103 -10.47 21.45 -23.61
C LEU A 103 -9.39 20.40 -23.84
N CYS A 104 -9.68 19.18 -23.39
CA CYS A 104 -8.80 18.04 -23.56
C CYS A 104 -9.66 16.90 -24.07
N GLN A 105 -9.40 16.46 -25.30
CA GLN A 105 -10.12 15.32 -25.87
C GLN A 105 -9.41 14.04 -25.49
N ALA A 106 -10.08 13.23 -24.67
CA ALA A 106 -9.51 11.94 -24.28
C ALA A 106 -9.55 10.98 -25.47
N LYS A 107 -8.43 10.33 -25.75
CA LYS A 107 -8.38 9.40 -26.88
C LYS A 107 -9.22 8.17 -26.61
N LEU A 108 -10.00 7.77 -27.62
CA LEU A 108 -10.88 6.61 -27.56
C LEU A 108 -10.57 5.79 -28.81
N ASP A 109 -9.46 5.06 -28.76
CA ASP A 109 -8.94 4.34 -29.92
C ASP A 109 -9.58 2.96 -30.10
N ILE A 110 -10.45 2.55 -29.18
CA ILE A 110 -11.19 1.30 -29.30
C ILE A 110 -12.64 1.65 -29.59
N ALA A 111 -13.25 0.94 -30.54
CA ALA A 111 -14.59 1.31 -30.97
C ALA A 111 -15.61 1.17 -29.85
N PHE A 112 -16.65 1.99 -29.91
CA PHE A 112 -17.78 1.97 -28.98
C PHE A 112 -17.37 2.30 -27.55
N GLY A 113 -16.26 3.00 -27.37
CA GLY A 113 -15.88 3.46 -26.05
C GLY A 113 -16.34 4.89 -25.80
N THR A 114 -16.43 5.25 -24.53
N THR A 114 -16.35 5.24 -24.52
CA THR A 114 -16.84 6.60 -24.17
CA THR A 114 -16.90 6.50 -24.05
C THR A 114 -16.08 7.05 -22.94
C THR A 114 -15.97 7.05 -22.97
N HIS A 115 -15.99 8.37 -22.79
CA HIS A 115 -15.35 8.98 -21.62
C HIS A 115 -16.43 9.24 -20.58
N HIS A 116 -16.59 8.29 -19.65
CA HIS A 116 -17.67 8.34 -18.67
C HIS A 116 -17.24 8.94 -17.32
N THR A 117 -15.94 8.97 -17.05
CA THR A 117 -15.41 9.45 -15.77
C THR A 117 -15.95 10.83 -15.41
N LYS A 118 -16.39 10.97 -14.15
CA LYS A 118 -16.94 12.21 -13.62
C LYS A 118 -16.11 12.59 -12.39
N MET A 119 -15.28 13.62 -12.57
CA MET A 119 -14.31 13.97 -11.53
C MET A 119 -14.04 15.45 -11.63
N MET A 120 -13.87 16.09 -10.48
CA MET A 120 -13.39 17.47 -10.42
C MET A 120 -12.03 17.48 -9.74
N LEU A 121 -11.07 18.17 -10.34
CA LEU A 121 -9.83 18.49 -9.66
C LEU A 121 -9.89 19.97 -9.33
N LEU A 122 -9.79 20.32 -8.07
CA LEU A 122 -10.02 21.69 -7.61
C LEU A 122 -8.75 22.16 -6.92
N LEU A 123 -8.01 23.08 -7.58
CA LEU A 123 -6.77 23.60 -7.04
C LEU A 123 -7.08 24.92 -6.34
N TYR A 124 -6.73 25.01 -5.06
CA TYR A 124 -7.01 26.19 -4.26
C TYR A 124 -5.70 26.87 -3.85
N GLU A 125 -5.84 28.09 -3.34
CA GLU A 125 -4.71 28.71 -2.64
C GLU A 125 -4.32 27.89 -1.41
N GLU A 126 -5.27 27.17 -0.80
CA GLU A 126 -5.06 26.45 0.44
C GLU A 126 -4.66 24.99 0.25
N GLY A 127 -4.70 24.47 -0.97
CA GLY A 127 -4.45 23.05 -1.16
C GLY A 127 -5.17 22.55 -2.40
N LEU A 128 -5.50 21.25 -2.38
CA LEU A 128 -6.10 20.59 -3.53
C LEU A 128 -7.24 19.70 -3.06
N ARG A 129 -8.31 19.63 -3.84
CA ARG A 129 -9.39 18.71 -3.54
C ARG A 129 -9.72 17.90 -4.78
N VAL A 130 -10.10 16.65 -4.56
CA VAL A 130 -10.52 15.74 -5.62
C VAL A 130 -11.97 15.37 -5.33
N VAL A 131 -12.82 15.45 -6.36
CA VAL A 131 -14.23 15.09 -6.22
C VAL A 131 -14.52 14.03 -7.27
N ILE A 132 -14.96 12.85 -6.83
CA ILE A 132 -15.31 11.79 -7.76
C ILE A 132 -16.79 11.53 -7.60
N HIS A 133 -17.55 11.62 -8.68
CA HIS A 133 -19.00 11.70 -8.55
C HIS A 133 -19.66 11.03 -9.75
N THR A 134 -20.99 11.17 -9.88
CA THR A 134 -21.71 10.42 -10.91
C THR A 134 -22.54 11.30 -11.85
N SER A 135 -22.52 12.62 -11.70
CA SER A 135 -23.42 13.49 -12.46
C SER A 135 -22.77 14.11 -13.68
N ASN A 136 -23.52 14.17 -14.78
CA ASN A 136 -23.13 14.99 -15.91
C ASN A 136 -23.24 16.47 -15.53
N LEU A 137 -22.54 17.33 -16.28
CA LEU A 137 -22.55 18.76 -15.96
C LEU A 137 -23.65 19.47 -16.75
N ILE A 138 -24.88 19.10 -16.42
CA ILE A 138 -26.08 19.66 -17.00
C ILE A 138 -27.10 19.79 -15.87
N HIS A 139 -28.03 20.74 -16.03
CA HIS A 139 -28.98 21.04 -14.96
C HIS A 139 -29.76 19.80 -14.53
N ALA A 140 -30.24 18.99 -15.47
CA ALA A 140 -31.12 17.88 -15.13
C ALA A 140 -30.44 16.85 -14.23
N ASP A 141 -29.12 16.68 -14.37
CA ASP A 141 -28.46 15.66 -13.57
C ASP A 141 -28.33 16.03 -12.10
N TRP A 142 -28.51 17.31 -11.76
CA TRP A 142 -28.39 17.76 -10.39
C TRP A 142 -29.73 18.19 -9.82
N HIS A 143 -30.81 17.96 -10.56
CA HIS A 143 -32.12 18.51 -10.21
C HIS A 143 -32.94 17.49 -9.41
N GLN A 144 -33.34 16.38 -10.03
CA GLN A 144 -34.21 15.44 -9.33
C GLN A 144 -33.74 14.00 -9.48
N LYS A 145 -32.42 13.77 -9.57
CA LYS A 145 -31.89 12.42 -9.66
C LYS A 145 -31.20 12.03 -8.37
N THR A 146 -31.08 10.72 -8.15
CA THR A 146 -30.18 10.21 -7.13
C THR A 146 -28.78 10.06 -7.72
N GLN A 147 -27.83 10.85 -7.21
CA GLN A 147 -26.44 10.86 -7.67
C GLN A 147 -25.53 10.77 -6.46
N GLY A 148 -24.32 10.24 -6.66
CA GLY A 148 -23.36 10.07 -5.57
C GLY A 148 -22.13 10.94 -5.74
N ILE A 149 -21.54 11.35 -4.61
CA ILE A 149 -20.36 12.21 -4.56
C ILE A 149 -19.44 11.68 -3.49
N TRP A 150 -18.13 11.55 -3.81
CA TRP A 150 -17.11 11.37 -2.80
C TRP A 150 -16.26 12.62 -2.79
N LEU A 151 -16.12 13.24 -1.62
CA LEU A 151 -15.32 14.46 -1.44
C LEU A 151 -14.03 14.12 -0.72
N SER A 152 -12.89 14.40 -1.36
CA SER A 152 -11.62 14.18 -0.71
C SER A 152 -11.42 15.20 0.41
N PRO A 153 -10.50 14.92 1.35
CA PRO A 153 -10.02 15.96 2.26
C PRO A 153 -9.36 17.08 1.48
N LEU A 154 -9.19 18.22 2.15
CA LEU A 154 -8.33 19.26 1.61
C LEU A 154 -6.88 18.78 1.73
N TYR A 155 -6.23 18.57 0.59
CA TYR A 155 -4.87 18.08 0.60
C TYR A 155 -3.90 19.26 0.66
N PRO A 156 -3.05 19.35 1.68
CA PRO A 156 -2.12 20.48 1.73
C PRO A 156 -0.99 20.32 0.74
N ARG A 157 -0.37 21.45 0.41
CA ARG A 157 0.80 21.43 -0.45
C ARG A 157 2.02 20.96 0.33
N ILE A 158 2.89 20.19 -0.33
CA ILE A 158 4.16 19.81 0.27
C ILE A 158 5.11 21.00 0.12
N ALA A 159 5.77 21.36 1.21
CA ALA A 159 6.66 22.52 1.21
C ALA A 159 7.76 22.38 0.16
N ASP A 160 8.01 23.46 -0.56
CA ASP A 160 9.09 23.46 -1.55
C ASP A 160 10.42 23.12 -0.90
N GLY A 161 11.08 22.09 -1.42
CA GLY A 161 12.32 21.60 -0.85
C GLY A 161 12.16 20.39 0.05
N THR A 162 10.97 20.17 0.59
CA THR A 162 10.70 18.96 1.37
C THR A 162 10.52 17.77 0.45
N HIS A 163 11.10 16.65 0.83
CA HIS A 163 10.96 15.40 0.06
C HIS A 163 10.15 14.42 0.91
N LYS A 164 8.89 14.23 0.54
CA LYS A 164 8.10 13.15 1.11
C LYS A 164 7.14 12.66 0.04
N SER A 165 6.59 11.46 0.25
CA SER A 165 5.78 10.84 -0.78
C SER A 165 4.42 11.52 -0.89
N GLY A 166 3.84 11.91 0.25
CA GLY A 166 2.46 12.36 0.26
C GLY A 166 1.47 11.26 -0.06
N GLU A 167 1.87 10.00 0.10
CA GLU A 167 1.07 8.86 -0.28
C GLU A 167 0.23 8.35 0.89
N SER A 168 -0.92 7.78 0.57
N SER A 168 -0.93 7.78 0.57
CA SER A 168 -1.82 7.22 1.56
CA SER A 168 -1.85 7.22 1.55
C SER A 168 -1.61 5.71 1.68
C SER A 168 -1.64 5.71 1.66
N PRO A 169 -2.12 5.08 2.75
CA PRO A 169 -2.04 3.61 2.82
C PRO A 169 -2.82 2.91 1.72
N THR A 170 -3.76 3.60 1.07
CA THR A 170 -4.50 3.00 -0.04
C THR A 170 -3.85 3.25 -1.39
N HIS A 171 -2.70 3.93 -1.44
CA HIS A 171 -1.94 4.20 -2.67
C HIS A 171 -2.70 5.13 -3.60
N PHE A 172 -3.61 5.94 -3.05
CA PHE A 172 -4.49 6.77 -3.87
C PHE A 172 -3.70 7.77 -4.74
N LYS A 173 -2.62 8.35 -4.20
CA LYS A 173 -1.91 9.37 -4.99
C LYS A 173 -1.28 8.76 -6.23
N ALA A 174 -0.51 7.68 -6.05
CA ALA A 174 0.09 6.99 -7.19
C ALA A 174 -0.99 6.49 -8.15
N ASP A 175 -2.09 5.98 -7.60
CA ASP A 175 -3.13 5.43 -8.45
C ASP A 175 -3.84 6.52 -9.26
N LEU A 176 -4.08 7.69 -8.66
CA LEU A 176 -4.69 8.79 -9.40
C LEU A 176 -3.74 9.31 -10.47
N ILE A 177 -2.43 9.39 -10.17
CA ILE A 177 -1.49 9.81 -11.18
C ILE A 177 -1.44 8.81 -12.33
N SER A 178 -1.47 7.50 -12.00
N SER A 178 -1.47 7.52 -12.00
CA SER A 178 -1.48 6.47 -13.03
CA SER A 178 -1.48 6.48 -13.03
C SER A 178 -2.70 6.58 -13.92
C SER A 178 -2.70 6.60 -13.93
N TYR A 179 -3.87 6.85 -13.33
CA TYR A 179 -5.08 7.04 -14.12
C TYR A 179 -4.92 8.21 -15.09
N LEU A 180 -4.40 9.34 -14.62
CA LEU A 180 -4.21 10.51 -15.47
C LEU A 180 -3.14 10.28 -16.53
N MET A 181 -2.08 9.52 -16.20
N MET A 181 -2.08 9.54 -16.19
CA MET A 181 -1.03 9.26 -17.16
CA MET A 181 -1.02 9.23 -17.14
C MET A 181 -1.55 8.49 -18.37
C MET A 181 -1.56 8.51 -18.37
N ALA A 182 -2.58 7.67 -18.18
CA ALA A 182 -3.11 6.87 -19.28
C ALA A 182 -3.68 7.72 -20.41
N TYR A 183 -4.11 8.95 -20.13
CA TYR A 183 -4.61 9.85 -21.18
C TYR A 183 -3.52 10.30 -22.13
N ASN A 184 -2.26 10.34 -21.67
N ASN A 184 -2.26 10.33 -21.68
CA ASN A 184 -1.14 10.80 -22.49
CA ASN A 184 -1.12 10.83 -22.47
C ASN A 184 -1.40 12.21 -23.04
C ASN A 184 -1.42 12.21 -23.05
N ALA A 185 -1.90 13.10 -22.20
CA ALA A 185 -2.35 14.43 -22.63
C ALA A 185 -1.58 15.54 -21.95
N PRO A 186 -1.12 16.54 -22.69
CA PRO A 186 -0.30 17.59 -22.05
C PRO A 186 -1.04 18.38 -20.98
N SER A 187 -2.33 18.68 -21.15
CA SER A 187 -3.05 19.44 -20.15
C SER A 187 -3.15 18.67 -18.85
N LEU A 188 -3.17 17.34 -18.92
CA LEU A 188 -3.27 16.54 -17.71
C LEU A 188 -1.90 16.27 -17.10
N LYS A 189 -0.81 16.33 -17.88
CA LYS A 189 0.50 16.32 -17.24
C LYS A 189 0.66 17.49 -16.29
N GLU A 190 0.06 18.64 -16.61
CA GLU A 190 0.09 19.78 -15.69
C GLU A 190 -0.60 19.42 -14.37
N TRP A 191 -1.75 18.75 -14.45
CA TRP A 191 -2.44 18.34 -13.23
C TRP A 191 -1.69 17.24 -12.48
N ILE A 192 -1.01 16.35 -13.20
CA ILE A 192 -0.15 15.36 -12.53
C ILE A 192 0.93 16.07 -11.72
N ASP A 193 1.53 17.12 -12.27
CA ASP A 193 2.55 17.84 -11.52
C ASP A 193 1.95 18.53 -10.30
N VAL A 194 0.72 19.03 -10.41
CA VAL A 194 0.03 19.60 -9.24
C VAL A 194 -0.15 18.52 -8.17
N ILE A 195 -0.64 17.35 -8.56
CA ILE A 195 -0.88 16.30 -7.58
C ILE A 195 0.41 15.89 -6.89
N HIS A 196 1.51 15.77 -7.66
CA HIS A 196 2.81 15.42 -7.07
C HIS A 196 3.17 16.38 -5.94
N LYS A 197 2.80 17.65 -6.08
CA LYS A 197 3.16 18.66 -5.11
C LYS A 197 2.25 18.68 -3.88
N HIS A 198 1.26 17.79 -3.79
CA HIS A 198 0.36 17.84 -2.64
C HIS A 198 0.43 16.55 -1.83
N ASP A 199 0.02 16.65 -0.56
CA ASP A 199 0.05 15.55 0.38
C ASP A 199 -1.33 14.91 0.43
N LEU A 200 -1.46 13.71 -0.14
CA LEU A 200 -2.73 13.00 -0.18
C LEU A 200 -2.80 11.87 0.86
N SER A 201 -1.95 11.92 1.90
CA SER A 201 -1.80 10.76 2.77
C SER A 201 -3.05 10.47 3.61
N GLU A 202 -3.94 11.43 3.79
CA GLU A 202 -5.13 11.18 4.59
C GLU A 202 -6.21 10.39 3.85
N THR A 203 -6.00 10.04 2.60
CA THR A 203 -7.05 9.39 1.83
C THR A 203 -7.28 7.96 2.30
N ASN A 204 -8.54 7.62 2.55
N ASN A 204 -8.54 7.60 2.55
CA ASN A 204 -8.92 6.30 3.08
CA ASN A 204 -8.86 6.26 3.04
C ASN A 204 -9.70 5.46 2.08
C ASN A 204 -9.78 5.50 2.08
N VAL A 205 -9.84 5.91 0.82
CA VAL A 205 -10.52 5.12 -0.22
C VAL A 205 -9.48 4.62 -1.24
N TYR A 206 -9.83 3.53 -1.93
CA TYR A 206 -9.07 3.01 -3.07
C TYR A 206 -9.68 3.48 -4.37
N LEU A 207 -8.81 3.91 -5.30
CA LEU A 207 -9.26 4.29 -6.63
C LEU A 207 -9.48 3.07 -7.51
N ILE A 208 -10.64 2.99 -8.17
CA ILE A 208 -10.89 1.93 -9.17
C ILE A 208 -11.22 2.62 -10.49
N GLY A 209 -10.29 2.56 -11.44
CA GLY A 209 -10.51 3.19 -12.72
C GLY A 209 -10.55 2.20 -13.87
N SER A 210 -11.16 2.63 -14.97
CA SER A 210 -11.05 1.96 -16.24
C SER A 210 -10.46 2.95 -17.24
N THR A 211 -9.63 2.45 -18.14
N THR A 211 -9.55 2.48 -18.09
CA THR A 211 -9.10 3.25 -19.23
CA THR A 211 -9.10 3.25 -19.23
C THR A 211 -9.00 2.36 -20.45
C THR A 211 -9.13 2.35 -20.44
N PRO A 212 -9.24 2.90 -21.65
CA PRO A 212 -9.28 2.04 -22.84
C PRO A 212 -7.96 1.34 -23.10
N GLY A 213 -8.05 0.06 -23.46
CA GLY A 213 -6.85 -0.63 -23.85
C GLY A 213 -7.00 -2.12 -23.76
N ARG A 214 -5.91 -2.81 -24.07
N ARG A 214 -5.88 -2.81 -24.01
CA ARG A 214 -5.81 -4.25 -23.95
CA ARG A 214 -5.79 -4.26 -23.97
C ARG A 214 -4.66 -4.54 -23.01
C ARG A 214 -4.65 -4.63 -23.04
N PHE A 215 -4.97 -5.11 -21.86
CA PHE A 215 -4.01 -5.25 -20.77
C PHE A 215 -3.68 -6.70 -20.49
N GLN A 216 -2.38 -7.03 -20.49
CA GLN A 216 -1.94 -8.38 -20.16
C GLN A 216 -0.86 -8.31 -19.10
N GLY A 217 -0.54 -9.48 -18.54
CA GLY A 217 0.56 -9.55 -17.60
C GLY A 217 0.26 -8.77 -16.34
N SER A 218 1.26 -8.00 -15.88
CA SER A 218 1.08 -7.22 -14.67
C SER A 218 -0.03 -6.19 -14.84
N GLN A 219 -0.12 -5.59 -16.02
CA GLN A 219 -1.08 -4.51 -16.26
C GLN A 219 -2.52 -4.97 -16.16
N LYS A 220 -2.79 -6.28 -16.16
CA LYS A 220 -4.16 -6.77 -16.10
C LYS A 220 -4.86 -6.32 -14.82
N ASP A 221 -4.14 -6.25 -13.71
CA ASP A 221 -4.74 -5.91 -12.44
C ASP A 221 -4.92 -4.39 -12.25
N ASN A 222 -4.53 -3.58 -13.23
CA ASN A 222 -4.57 -2.13 -13.06
C ASN A 222 -5.97 -1.56 -13.18
N TRP A 223 -6.87 -2.22 -13.90
CA TRP A 223 -8.10 -1.55 -14.34
C TRP A 223 -9.31 -2.48 -14.25
N GLY A 224 -10.49 -1.86 -14.22
CA GLY A 224 -11.75 -2.58 -14.39
C GLY A 224 -11.99 -3.63 -13.32
N HIS A 225 -12.65 -4.73 -13.71
CA HIS A 225 -13.03 -5.67 -12.67
C HIS A 225 -11.84 -6.47 -12.13
N PHE A 226 -10.72 -6.54 -12.88
CA PHE A 226 -9.52 -7.14 -12.32
C PHE A 226 -8.88 -6.25 -11.26
N ARG A 227 -9.00 -4.93 -11.40
CA ARG A 227 -8.54 -4.04 -10.34
C ARG A 227 -9.34 -4.29 -9.08
N LEU A 228 -10.66 -4.38 -9.21
CA LEU A 228 -11.51 -4.67 -8.05
C LEU A 228 -11.12 -6.00 -7.42
N LYS A 229 -10.96 -7.03 -8.26
CA LYS A 229 -10.57 -8.35 -7.75
C LYS A 229 -9.28 -8.28 -6.97
N LYS A 230 -8.28 -7.56 -7.50
CA LYS A 230 -6.98 -7.47 -6.83
C LYS A 230 -7.09 -6.82 -5.46
N LEU A 231 -7.87 -5.75 -5.36
CA LEU A 231 -8.05 -5.04 -4.08
C LEU A 231 -8.79 -5.92 -3.07
N LEU A 232 -9.81 -6.66 -3.52
CA LEU A 232 -10.54 -7.52 -2.60
C LEU A 232 -9.69 -8.69 -2.13
N LYS A 233 -8.83 -9.21 -3.02
CA LYS A 233 -7.91 -10.27 -2.63
C LYS A 233 -6.91 -9.77 -1.58
N ASP A 234 -6.40 -8.57 -1.76
CA ASP A 234 -5.30 -8.05 -0.93
C ASP A 234 -5.77 -7.36 0.34
N HIS A 235 -6.98 -6.81 0.38
CA HIS A 235 -7.35 -5.91 1.46
C HIS A 235 -8.72 -6.21 2.08
N ALA A 236 -9.34 -7.32 1.71
CA ALA A 236 -10.53 -7.82 2.39
C ALA A 236 -10.24 -9.23 2.87
N SER A 237 -10.99 -9.67 3.87
CA SER A 237 -10.87 -11.01 4.41
C SER A 237 -12.13 -11.81 4.10
N SER A 238 -11.96 -13.08 3.80
CA SER A 238 -13.10 -13.97 3.69
C SER A 238 -13.61 -14.32 5.09
N MET A 239 -14.91 -14.49 5.19
CA MET A 239 -15.57 -14.86 6.43
C MET A 239 -16.19 -16.24 6.27
N PRO A 240 -16.53 -16.91 7.36
CA PRO A 240 -17.28 -18.16 7.24
C PRO A 240 -18.62 -17.90 6.57
N ASN A 241 -19.06 -18.84 5.76
CA ASN A 241 -20.33 -18.73 5.04
C ASN A 241 -20.32 -17.51 4.10
N ALA A 242 -19.14 -17.18 3.55
CA ALA A 242 -19.06 -16.11 2.57
C ALA A 242 -19.98 -16.35 1.39
N GLU A 243 -20.22 -17.63 1.05
CA GLU A 243 -21.09 -17.94 -0.09
C GLU A 243 -22.51 -17.44 0.13
N SER A 244 -22.88 -17.11 1.37
CA SER A 244 -24.20 -16.59 1.66
C SER A 244 -24.28 -15.07 1.59
N TRP A 245 -23.14 -14.38 1.47
CA TRP A 245 -23.15 -12.92 1.38
C TRP A 245 -23.44 -12.53 -0.06
N PRO A 246 -24.58 -11.91 -0.33
CA PRO A 246 -24.91 -11.55 -1.71
C PRO A 246 -23.97 -10.52 -2.30
N VAL A 247 -24.09 -10.36 -3.60
CA VAL A 247 -23.51 -9.23 -4.34
C VAL A 247 -24.66 -8.38 -4.85
N VAL A 248 -24.55 -7.06 -4.68
CA VAL A 248 -25.56 -6.13 -5.18
C VAL A 248 -24.90 -5.20 -6.20
N GLY A 249 -25.54 -5.05 -7.35
CA GLY A 249 -25.08 -4.09 -8.34
C GLY A 249 -26.26 -3.21 -8.72
N GLN A 250 -25.99 -1.91 -8.87
CA GLN A 250 -27.04 -0.92 -9.02
C GLN A 250 -26.55 0.10 -10.04
N PHE A 251 -27.32 0.33 -11.12
CA PHE A 251 -26.76 1.01 -12.29
C PHE A 251 -27.87 1.69 -13.08
N SER A 252 -27.47 2.50 -14.07
N SER A 252 -27.47 2.51 -14.04
CA SER A 252 -28.42 3.27 -14.86
CA SER A 252 -28.42 3.26 -14.86
C SER A 252 -28.44 2.86 -16.32
C SER A 252 -28.57 2.71 -16.27
N SER A 253 -27.62 1.90 -16.72
CA SER A 253 -27.67 1.36 -18.07
C SER A 253 -27.06 -0.03 -18.04
N VAL A 254 -27.37 -0.82 -19.06
CA VAL A 254 -26.88 -2.18 -19.21
C VAL A 254 -26.37 -2.33 -20.64
N GLY A 255 -25.21 -2.95 -20.78
CA GLY A 255 -24.68 -3.26 -22.08
C GLY A 255 -25.14 -4.62 -22.56
N SER A 256 -24.64 -5.01 -23.72
N SER A 256 -24.64 -5.01 -23.74
CA SER A 256 -24.88 -6.36 -24.23
CA SER A 256 -24.85 -6.36 -24.23
C SER A 256 -23.98 -7.32 -23.47
C SER A 256 -23.97 -7.31 -23.45
N LEU A 257 -24.57 -8.23 -22.70
CA LEU A 257 -23.83 -9.13 -21.84
C LEU A 257 -23.68 -10.54 -22.42
N GLY A 258 -24.34 -10.84 -23.52
CA GLY A 258 -24.23 -12.15 -24.11
C GLY A 258 -25.54 -12.91 -24.02
N ALA A 259 -25.52 -14.10 -24.62
CA ALA A 259 -26.72 -14.91 -24.78
C ALA A 259 -27.17 -15.60 -23.50
N ASP A 260 -26.29 -15.74 -22.51
CA ASP A 260 -26.67 -16.30 -21.23
C ASP A 260 -25.71 -15.79 -20.16
N GLU A 261 -26.04 -16.08 -18.91
CA GLU A 261 -25.28 -15.54 -17.78
C GLU A 261 -23.85 -16.06 -17.73
N SER A 262 -23.57 -17.21 -18.34
CA SER A 262 -22.22 -17.77 -18.28
C SER A 262 -21.25 -17.07 -19.22
N LYS A 263 -21.73 -16.22 -20.13
CA LYS A 263 -20.84 -15.59 -21.09
C LYS A 263 -19.94 -14.55 -20.43
N TRP A 264 -20.48 -13.79 -19.46
CA TRP A 264 -19.70 -12.73 -18.83
C TRP A 264 -20.18 -12.44 -17.41
N LEU A 265 -21.50 -12.30 -17.24
CA LEU A 265 -22.05 -11.80 -15.98
C LEU A 265 -21.68 -12.70 -14.81
N CYS A 266 -21.95 -13.99 -14.92
CA CYS A 266 -21.71 -14.90 -13.81
C CYS A 266 -20.41 -15.68 -13.96
N SER A 267 -19.63 -15.40 -14.99
CA SER A 267 -18.38 -16.13 -15.21
C SER A 267 -17.14 -15.33 -14.85
N GLU A 268 -17.01 -14.09 -15.33
CA GLU A 268 -15.87 -13.30 -14.91
C GLU A 268 -16.26 -12.09 -14.08
N PHE A 269 -17.39 -11.44 -14.36
CA PHE A 269 -17.78 -10.27 -13.58
C PHE A 269 -18.14 -10.65 -12.15
N LYS A 270 -19.13 -11.53 -11.98
CA LYS A 270 -19.49 -11.96 -10.63
C LYS A 270 -18.30 -12.60 -9.92
N GLU A 271 -17.46 -13.34 -10.66
CA GLU A 271 -16.30 -13.96 -10.04
C GLU A 271 -15.34 -12.94 -9.43
N SER A 272 -15.12 -11.81 -10.12
CA SER A 272 -14.34 -10.75 -9.49
C SER A 272 -15.06 -10.17 -8.29
N MET A 273 -16.37 -9.96 -8.39
CA MET A 273 -17.07 -9.30 -7.30
C MET A 273 -17.21 -10.18 -6.07
N LEU A 274 -17.12 -11.51 -6.23
N LEU A 274 -17.14 -11.50 -6.20
CA LEU A 274 -17.20 -12.45 -5.14
CA LEU A 274 -17.25 -12.34 -5.01
C LEU A 274 -15.92 -12.54 -4.31
C LEU A 274 -15.90 -12.69 -4.40
N THR A 275 -14.81 -12.08 -4.88
CA THR A 275 -13.50 -12.28 -4.26
C THR A 275 -13.44 -11.68 -2.86
N LEU A 276 -12.86 -12.44 -1.93
CA LEU A 276 -12.54 -11.93 -0.59
C LEU A 276 -11.31 -12.67 -0.11
N GLY A 277 -10.23 -11.94 0.12
CA GLY A 277 -9.04 -12.55 0.69
C GLY A 277 -8.27 -13.38 -0.32
N LYS A 278 -7.20 -14.02 0.18
CA LYS A 278 -6.16 -14.59 -0.67
C LYS A 278 -6.37 -16.06 -1.03
N GLU A 279 -7.36 -16.74 -0.46
CA GLU A 279 -7.52 -18.17 -0.70
C GLU A 279 -8.19 -18.44 -2.04
N SER A 280 -8.14 -19.70 -2.47
CA SER A 280 -8.66 -20.08 -3.77
C SER A 280 -10.18 -20.17 -3.80
N SER A 286 -20.79 -21.19 -8.32
CA SER A 286 -21.07 -20.45 -7.10
C SER A 286 -22.56 -20.18 -6.92
N SER A 287 -23.03 -20.29 -5.67
CA SER A 287 -24.41 -20.04 -5.32
C SER A 287 -24.60 -18.71 -4.60
N VAL A 288 -23.66 -17.79 -4.75
CA VAL A 288 -23.82 -16.47 -4.14
C VAL A 288 -24.96 -15.73 -4.83
N PRO A 289 -25.98 -15.24 -4.10
CA PRO A 289 -27.07 -14.50 -4.75
C PRO A 289 -26.58 -13.21 -5.37
N LEU A 290 -27.12 -12.89 -6.54
CA LEU A 290 -26.78 -11.66 -7.25
C LEU A 290 -28.05 -10.83 -7.42
N TYR A 291 -28.06 -9.63 -6.83
CA TYR A 291 -29.17 -8.68 -6.93
C TYR A 291 -28.75 -7.54 -7.83
N LEU A 292 -29.50 -7.30 -8.90
CA LEU A 292 -29.27 -6.17 -9.78
C LEU A 292 -30.43 -5.19 -9.63
N ILE A 293 -30.12 -3.93 -9.34
CA ILE A 293 -31.14 -2.90 -9.10
C ILE A 293 -31.17 -1.96 -10.30
N TYR A 294 -32.33 -1.87 -10.95
CA TYR A 294 -32.47 -1.08 -12.15
C TYR A 294 -33.93 -0.66 -12.28
N PRO A 295 -34.21 0.63 -12.53
CA PRO A 295 -35.62 1.09 -12.49
C PRO A 295 -36.53 0.34 -13.45
N SER A 296 -37.70 -0.05 -12.92
CA SER A 296 -38.79 -0.55 -13.74
C SER A 296 -39.48 0.60 -14.48
N VAL A 297 -40.33 0.24 -15.45
CA VAL A 297 -41.13 1.27 -16.12
C VAL A 297 -41.96 2.04 -15.11
N GLU A 298 -42.56 1.33 -14.15
N GLU A 298 -42.56 1.33 -14.15
CA GLU A 298 -43.39 2.00 -13.16
CA GLU A 298 -43.40 2.01 -13.17
C GLU A 298 -42.56 2.94 -12.30
C GLU A 298 -42.58 2.92 -12.26
N ASN A 299 -41.33 2.54 -11.93
CA ASN A 299 -40.45 3.44 -11.21
C ASN A 299 -40.29 4.77 -11.96
N VAL A 300 -40.06 4.68 -13.27
CA VAL A 300 -39.83 5.89 -14.07
C VAL A 300 -41.11 6.70 -14.22
N ARG A 301 -42.21 6.01 -14.53
CA ARG A 301 -43.48 6.71 -14.75
C ARG A 301 -43.88 7.55 -13.55
N THR A 302 -43.72 7.02 -12.34
CA THR A 302 -44.17 7.71 -11.13
C THR A 302 -43.09 8.58 -10.49
N SER A 303 -41.95 8.76 -11.17
CA SER A 303 -40.83 9.51 -10.63
C SER A 303 -41.12 11.02 -10.66
N LEU A 304 -40.27 11.78 -9.96
CA LEU A 304 -40.39 13.23 -9.95
C LEU A 304 -40.35 13.81 -11.36
N GLU A 305 -39.44 13.30 -12.20
CA GLU A 305 -39.30 13.79 -13.56
C GLU A 305 -40.34 13.21 -14.52
N GLY A 306 -40.92 12.07 -14.16
CA GLY A 306 -41.77 11.32 -15.06
C GLY A 306 -40.94 10.58 -16.10
N TYR A 307 -41.59 10.27 -17.22
CA TYR A 307 -40.93 9.54 -18.30
C TYR A 307 -39.63 10.17 -18.77
N PRO A 308 -39.46 11.50 -18.80
CA PRO A 308 -38.17 12.06 -19.23
C PRO A 308 -36.99 11.59 -18.40
N ALA A 309 -37.20 11.13 -17.16
CA ALA A 309 -36.11 10.52 -16.39
C ALA A 309 -35.49 9.36 -17.16
N GLY A 310 -36.28 8.68 -17.98
CA GLY A 310 -35.79 7.57 -18.79
C GLY A 310 -34.85 7.96 -19.90
N GLY A 311 -34.77 9.26 -20.24
CA GLY A 311 -33.73 9.72 -21.14
C GLY A 311 -32.33 9.48 -20.59
N SER A 312 -32.20 9.35 -19.27
CA SER A 312 -30.92 9.10 -18.61
C SER A 312 -30.80 7.66 -18.13
N LEU A 313 -31.63 6.77 -18.67
CA LEU A 313 -31.56 5.33 -18.38
C LEU A 313 -31.54 4.63 -19.74
N PRO A 314 -30.40 4.68 -20.46
CA PRO A 314 -30.38 4.39 -21.89
C PRO A 314 -30.24 2.91 -22.26
N TYR A 315 -31.11 2.07 -21.71
CA TYR A 315 -31.18 0.66 -22.07
C TYR A 315 -32.05 0.50 -23.31
N SER A 316 -31.47 0.04 -24.41
CA SER A 316 -32.17 0.01 -25.69
C SER A 316 -32.89 -1.32 -25.92
N ILE A 317 -33.97 -1.28 -26.70
CA ILE A 317 -34.71 -2.51 -26.96
C ILE A 317 -33.85 -3.50 -27.75
N GLN A 318 -32.96 -2.99 -28.60
CA GLN A 318 -32.07 -3.86 -29.36
C GLN A 318 -31.19 -4.69 -28.45
N THR A 319 -30.63 -4.06 -27.41
CA THR A 319 -29.81 -4.79 -26.46
C THR A 319 -30.66 -5.74 -25.62
N ALA A 320 -31.79 -5.26 -25.12
CA ALA A 320 -32.55 -6.02 -24.12
C ALA A 320 -33.17 -7.28 -24.71
N GLU A 321 -33.62 -7.22 -25.97
CA GLU A 321 -34.30 -8.36 -26.57
C GLU A 321 -33.36 -9.55 -26.80
N LYS A 322 -32.05 -9.35 -26.74
CA LYS A 322 -31.09 -10.43 -26.88
C LYS A 322 -30.69 -11.05 -25.55
N GLN A 323 -31.20 -10.54 -24.43
CA GLN A 323 -30.78 -11.03 -23.11
C GLN A 323 -31.95 -10.95 -22.12
N ASN A 324 -33.11 -11.51 -22.51
CA ASN A 324 -34.21 -11.54 -21.57
C ASN A 324 -33.87 -12.35 -20.32
N TRP A 325 -32.91 -13.29 -20.41
CA TRP A 325 -32.46 -14.02 -19.23
C TRP A 325 -32.03 -13.07 -18.12
N LEU A 326 -31.51 -11.90 -18.46
CA LEU A 326 -30.95 -10.99 -17.47
C LEU A 326 -32.03 -10.42 -16.55
N HIS A 327 -33.24 -10.24 -17.05
CA HIS A 327 -34.21 -9.47 -16.31
C HIS A 327 -34.78 -10.20 -15.10
N SER A 328 -34.58 -11.51 -15.01
N SER A 328 -34.57 -11.51 -15.01
CA SER A 328 -34.96 -12.21 -13.78
CA SER A 328 -34.93 -12.25 -13.81
C SER A 328 -34.09 -11.83 -12.61
C SER A 328 -34.03 -11.92 -12.63
N TYR A 329 -32.96 -11.17 -12.85
CA TYR A 329 -32.10 -10.67 -11.78
C TYR A 329 -32.50 -9.29 -11.28
N PHE A 330 -33.47 -8.65 -11.91
CA PHE A 330 -33.71 -7.22 -11.71
C PHE A 330 -34.62 -6.96 -10.51
N HIS A 331 -34.26 -5.92 -9.76
CA HIS A 331 -34.97 -5.47 -8.57
C HIS A 331 -35.30 -4.00 -8.73
N LYS A 332 -36.45 -3.58 -8.19
CA LYS A 332 -36.92 -2.21 -8.32
C LYS A 332 -36.01 -1.21 -7.61
N TRP A 333 -36.08 0.05 -8.05
CA TRP A 333 -35.46 1.14 -7.31
C TRP A 333 -36.36 1.52 -6.14
N SER A 334 -35.77 1.53 -4.95
CA SER A 334 -36.49 1.92 -3.74
C SER A 334 -35.48 2.57 -2.81
N ALA A 335 -35.82 3.74 -2.28
CA ALA A 335 -34.84 4.49 -1.49
C ALA A 335 -35.55 5.31 -0.42
N GLU A 336 -36.49 4.68 0.30
CA GLU A 336 -37.11 5.36 1.43
C GLU A 336 -36.09 5.82 2.45
N THR A 337 -34.99 5.07 2.62
CA THR A 337 -33.98 5.44 3.60
C THR A 337 -33.43 6.85 3.37
N SER A 338 -33.42 7.31 2.11
CA SER A 338 -32.94 8.65 1.77
C SER A 338 -34.00 9.53 1.15
N GLY A 339 -35.28 9.14 1.25
CA GLY A 339 -36.37 9.92 0.69
C GLY A 339 -36.34 10.04 -0.82
N ARG A 340 -35.68 9.11 -1.50
CA ARG A 340 -35.36 9.25 -2.92
C ARG A 340 -35.97 8.16 -3.79
N SER A 341 -37.04 7.48 -3.35
CA SER A 341 -37.67 6.48 -4.20
C SER A 341 -38.16 7.04 -5.52
N ASN A 342 -38.53 8.33 -5.56
CA ASN A 342 -39.02 8.95 -6.80
C ASN A 342 -37.96 9.78 -7.50
N ALA A 343 -36.69 9.70 -7.05
CA ALA A 343 -35.57 10.41 -7.66
C ALA A 343 -34.77 9.36 -8.40
N MET A 344 -34.94 9.28 -9.73
CA MET A 344 -34.39 8.14 -10.45
C MET A 344 -32.87 8.09 -10.31
N PRO A 345 -32.29 6.91 -10.21
CA PRO A 345 -30.85 6.80 -9.97
C PRO A 345 -30.03 7.03 -11.23
N HIS A 346 -29.04 7.90 -11.12
CA HIS A 346 -27.94 7.94 -12.05
C HIS A 346 -26.63 7.61 -11.37
N ILE A 347 -26.63 7.50 -10.05
CA ILE A 347 -25.52 6.89 -9.32
C ILE A 347 -25.37 5.42 -9.77
N LYS A 348 -24.15 4.89 -9.67
CA LYS A 348 -23.91 3.46 -9.82
C LYS A 348 -23.18 3.01 -8.57
N THR A 349 -23.61 1.89 -7.99
CA THR A 349 -22.98 1.36 -6.79
C THR A 349 -22.93 -0.16 -6.88
N TYR A 350 -21.93 -0.72 -6.19
CA TYR A 350 -21.78 -2.17 -6.07
C TYR A 350 -21.33 -2.43 -4.64
N MET A 351 -21.85 -3.50 -4.02
CA MET A 351 -21.51 -3.75 -2.63
C MET A 351 -21.74 -5.21 -2.29
N ARG A 352 -21.24 -5.62 -1.11
CA ARG A 352 -21.28 -7.02 -0.67
C ARG A 352 -21.92 -7.10 0.71
N PRO A 353 -23.26 -7.14 0.79
CA PRO A 353 -23.93 -7.21 2.10
C PRO A 353 -23.85 -8.60 2.71
N SER A 354 -24.08 -8.64 4.03
CA SER A 354 -24.26 -9.88 4.76
C SER A 354 -25.61 -10.51 4.39
N PRO A 355 -25.84 -11.77 4.77
CA PRO A 355 -27.09 -12.43 4.35
C PRO A 355 -28.34 -11.72 4.85
N ASP A 356 -28.27 -11.02 5.99
CA ASP A 356 -29.42 -10.28 6.50
C ASP A 356 -29.32 -8.78 6.21
N PHE A 357 -28.40 -8.38 5.33
CA PHE A 357 -28.24 -7.00 4.86
C PHE A 357 -27.97 -6.01 6.00
N SER A 358 -27.47 -6.48 7.15
CA SER A 358 -27.19 -5.58 8.26
C SER A 358 -25.75 -5.07 8.26
N LYS A 359 -24.87 -5.73 7.52
CA LYS A 359 -23.47 -5.33 7.37
C LYS A 359 -23.10 -5.37 5.90
N ILE A 360 -21.98 -4.72 5.55
CA ILE A 360 -21.43 -4.86 4.21
C ILE A 360 -19.92 -5.05 4.32
N ALA A 361 -19.39 -5.89 3.43
CA ALA A 361 -17.96 -6.15 3.40
C ALA A 361 -17.20 -5.07 2.63
N TRP A 362 -17.88 -4.32 1.76
CA TRP A 362 -17.28 -3.23 0.99
C TRP A 362 -18.38 -2.53 0.21
N PHE A 363 -18.07 -1.33 -0.27
CA PHE A 363 -19.01 -0.51 -1.02
C PHE A 363 -18.21 0.25 -2.08
N LEU A 364 -18.73 0.27 -3.31
CA LEU A 364 -18.10 1.00 -4.42
C LEU A 364 -19.11 1.96 -5.02
N VAL A 365 -18.71 3.22 -5.21
CA VAL A 365 -19.51 4.16 -5.99
C VAL A 365 -18.67 4.53 -7.20
N THR A 366 -19.30 4.57 -8.37
CA THR A 366 -18.53 4.64 -9.61
C THR A 366 -19.40 5.21 -10.73
N SER A 367 -18.72 5.57 -11.82
CA SER A 367 -19.41 5.88 -13.07
C SER A 367 -19.75 4.62 -13.87
N ALA A 368 -19.21 3.47 -13.50
CA ALA A 368 -19.30 2.26 -14.35
C ALA A 368 -20.68 1.62 -14.28
N ASN A 369 -21.36 1.52 -15.42
CA ASN A 369 -22.61 0.79 -15.56
C ASN A 369 -22.34 -0.71 -15.71
N LEU A 370 -23.41 -1.50 -15.89
CA LEU A 370 -23.27 -2.96 -16.00
C LEU A 370 -22.97 -3.29 -17.46
N SER A 371 -21.71 -3.13 -17.82
CA SER A 371 -21.31 -3.34 -19.21
C SER A 371 -19.86 -3.81 -19.31
N LYS A 372 -19.59 -4.60 -20.35
CA LYS A 372 -18.23 -5.02 -20.66
C LYS A 372 -17.34 -3.85 -21.03
N ALA A 373 -17.92 -2.81 -21.67
CA ALA A 373 -17.13 -1.66 -22.08
C ALA A 373 -16.50 -0.99 -20.89
N ALA A 374 -17.25 -0.90 -19.78
CA ALA A 374 -16.84 -0.22 -18.56
C ALA A 374 -15.94 -1.07 -17.69
N TRP A 375 -16.27 -2.35 -17.53
CA TRP A 375 -15.59 -3.20 -16.57
C TRP A 375 -14.49 -4.06 -17.19
N GLY A 376 -14.53 -4.26 -18.50
CA GLY A 376 -13.54 -5.09 -19.15
C GLY A 376 -14.06 -6.48 -19.45
N ALA A 377 -13.56 -7.05 -20.54
CA ALA A 377 -13.90 -8.42 -20.92
C ALA A 377 -12.60 -9.13 -21.29
N LEU A 378 -12.48 -10.37 -20.82
CA LEU A 378 -11.28 -11.16 -21.09
C LEU A 378 -11.23 -11.56 -22.56
N GLU A 379 -10.01 -11.53 -23.11
CA GLU A 379 -9.75 -11.86 -24.51
C GLU A 379 -8.50 -12.74 -24.55
N LYS A 380 -8.23 -13.30 -25.73
CA LYS A 380 -6.98 -14.04 -25.97
C LYS A 380 -6.78 -15.13 -24.93
N ASN A 381 -7.78 -16.01 -24.83
CA ASN A 381 -7.67 -17.21 -23.99
C ASN A 381 -7.48 -16.82 -22.52
N GLY A 382 -8.17 -15.77 -22.09
CA GLY A 382 -8.12 -15.33 -20.72
C GLY A 382 -6.88 -14.57 -20.29
N THR A 383 -6.02 -14.16 -21.23
CA THR A 383 -4.76 -13.53 -20.86
C THR A 383 -4.78 -12.01 -21.04
N GLN A 384 -5.84 -11.45 -21.59
CA GLN A 384 -5.87 -10.04 -21.91
C GLN A 384 -7.22 -9.48 -21.47
N LEU A 385 -7.21 -8.35 -20.77
CA LEU A 385 -8.44 -7.66 -20.39
C LEU A 385 -8.61 -6.46 -21.31
N MET A 386 -9.72 -6.43 -22.04
CA MET A 386 -9.98 -5.36 -22.99
C MET A 386 -11.07 -4.46 -22.42
N ILE A 387 -10.76 -3.16 -22.33
CA ILE A 387 -11.66 -2.14 -21.82
C ILE A 387 -11.83 -1.09 -22.91
N ARG A 388 -13.07 -0.64 -23.11
CA ARG A 388 -13.31 0.35 -24.16
C ARG A 388 -13.40 1.78 -23.66
N SER A 389 -13.70 1.99 -22.38
N SER A 389 -13.71 1.98 -22.38
CA SER A 389 -14.17 3.29 -21.91
CA SER A 389 -14.14 3.27 -21.90
C SER A 389 -13.47 3.72 -20.63
C SER A 389 -13.25 3.76 -20.75
N TYR A 390 -13.42 5.04 -20.43
CA TYR A 390 -12.90 5.62 -19.19
C TYR A 390 -14.00 5.62 -18.14
N GLU A 391 -13.67 5.12 -16.96
CA GLU A 391 -14.57 5.10 -15.82
C GLU A 391 -13.76 5.36 -14.57
N LEU A 392 -14.45 5.79 -13.50
CA LEU A 392 -13.73 6.03 -12.25
C LEU A 392 -14.68 5.92 -11.07
N GLY A 393 -14.20 5.28 -10.01
CA GLY A 393 -14.98 5.15 -8.79
C GLY A 393 -14.05 5.03 -7.60
N VAL A 394 -14.64 5.00 -6.40
CA VAL A 394 -13.85 4.81 -5.19
C VAL A 394 -14.45 3.66 -4.39
N LEU A 395 -13.56 2.87 -3.80
CA LEU A 395 -13.89 1.68 -3.04
C LEU A 395 -13.67 1.93 -1.55
N PHE A 396 -14.71 1.65 -0.77
CA PHE A 396 -14.66 1.73 0.69
C PHE A 396 -14.48 0.31 1.22
N LEU A 397 -13.32 0.07 1.86
CA LEU A 397 -13.01 -1.22 2.47
C LEU A 397 -12.91 -1.07 3.97
N PRO A 398 -13.52 -1.96 4.75
CA PRO A 398 -13.46 -1.81 6.21
C PRO A 398 -12.04 -1.77 6.74
N SER A 399 -11.12 -2.53 6.15
CA SER A 399 -9.74 -2.53 6.62
C SER A 399 -9.12 -1.13 6.54
N ALA A 400 -9.52 -0.33 5.57
CA ALA A 400 -8.98 1.02 5.48
C ALA A 400 -9.48 1.93 6.59
N PHE A 401 -10.46 1.47 7.39
CA PHE A 401 -11.00 2.26 8.49
C PHE A 401 -10.78 1.57 9.82
N GLY A 402 -9.94 0.53 9.85
CA GLY A 402 -9.69 -0.21 11.07
C GLY A 402 -10.83 -1.11 11.49
N LEU A 403 -11.62 -1.62 10.54
CA LEU A 403 -12.82 -2.38 10.82
C LEU A 403 -12.82 -3.69 10.06
N ASP A 404 -13.66 -4.63 10.52
CA ASP A 404 -13.83 -5.91 9.84
C ASP A 404 -14.99 -5.89 8.85
N SER A 405 -15.99 -5.06 9.12
CA SER A 405 -17.12 -4.85 8.23
C SER A 405 -17.72 -3.50 8.57
N PHE A 406 -18.60 -3.01 7.70
CA PHE A 406 -19.37 -1.80 7.96
C PHE A 406 -20.78 -2.18 8.38
N LYS A 407 -21.29 -1.52 9.42
N LYS A 407 -21.27 -1.58 9.47
CA LYS A 407 -22.71 -1.62 9.74
CA LYS A 407 -22.70 -1.63 9.71
C LYS A 407 -23.51 -0.69 8.84
C LYS A 407 -23.39 -0.81 8.64
N VAL A 408 -24.63 -1.18 8.32
CA VAL A 408 -25.45 -0.38 7.41
C VAL A 408 -26.22 0.65 8.22
N LYS A 409 -26.13 1.92 7.81
CA LYS A 409 -26.90 2.98 8.45
C LYS A 409 -28.38 2.80 8.14
N GLN A 410 -29.22 2.88 9.18
CA GLN A 410 -30.63 2.53 9.00
C GLN A 410 -31.41 3.62 8.28
N LYS A 411 -31.09 4.88 8.56
CA LYS A 411 -31.66 6.03 7.88
C LYS A 411 -30.51 6.87 7.35
N PHE A 412 -30.48 7.13 6.04
CA PHE A 412 -29.30 7.67 5.39
C PHE A 412 -28.86 9.01 6.01
N PHE A 413 -29.82 9.85 6.39
CA PHE A 413 -29.55 11.19 6.88
C PHE A 413 -29.69 11.31 8.41
N ALA A 414 -29.91 10.21 9.12
CA ALA A 414 -30.18 10.27 10.54
C ALA A 414 -28.87 10.23 11.34
N GLY A 415 -28.97 10.15 12.67
CA GLY A 415 -27.80 10.11 13.52
C GLY A 415 -27.14 8.74 13.59
N MET A 420 -20.94 6.41 14.18
CA MET A 420 -20.43 7.18 13.05
C MET A 420 -19.69 6.27 12.08
N ALA A 421 -19.35 5.07 12.55
CA ALA A 421 -18.72 4.03 11.72
C ALA A 421 -19.74 3.18 10.97
N THR A 422 -20.94 3.71 10.73
CA THR A 422 -21.97 3.00 9.98
C THR A 422 -22.06 3.60 8.57
N PHE A 423 -22.15 2.72 7.57
CA PHE A 423 -21.99 3.24 6.22
C PHE A 423 -23.33 3.68 5.64
N PRO A 424 -23.40 4.86 5.02
CA PRO A 424 -24.68 5.36 4.51
C PRO A 424 -25.06 4.78 3.16
N VAL A 425 -25.73 3.65 3.15
CA VAL A 425 -26.23 3.06 1.90
C VAL A 425 -27.46 3.85 1.45
N PRO A 426 -27.50 4.35 0.20
CA PRO A 426 -28.53 5.33 -0.17
C PRO A 426 -29.86 4.72 -0.60
N TYR A 427 -29.96 3.41 -0.75
CA TYR A 427 -31.23 2.80 -1.14
C TYR A 427 -31.56 1.66 -0.18
N ASP A 428 -32.80 1.18 -0.30
CA ASP A 428 -33.34 0.24 0.69
C ASP A 428 -32.79 -1.17 0.49
N LEU A 429 -32.61 -1.87 1.62
CA LEU A 429 -32.25 -3.29 1.65
C LEU A 429 -33.28 -4.05 2.48
N PRO A 430 -33.60 -5.30 2.10
CA PRO A 430 -33.15 -5.98 0.89
C PRO A 430 -33.83 -5.39 -0.34
N PRO A 431 -33.21 -5.50 -1.50
CA PRO A 431 -33.87 -5.02 -2.72
C PRO A 431 -35.09 -5.88 -3.03
N GLU A 432 -36.07 -5.26 -3.69
CA GLU A 432 -37.35 -5.92 -3.96
C GLU A 432 -37.39 -6.40 -5.41
N LEU A 433 -37.64 -7.69 -5.61
CA LEU A 433 -37.71 -8.23 -6.96
C LEU A 433 -38.84 -7.58 -7.75
N TYR A 434 -38.62 -7.41 -9.06
CA TYR A 434 -39.70 -7.01 -9.95
C TYR A 434 -40.90 -7.92 -9.75
N GLY A 435 -42.10 -7.32 -9.77
CA GLY A 435 -43.33 -8.09 -9.85
C GLY A 435 -43.55 -8.65 -11.24
N SER A 436 -44.52 -9.57 -11.36
CA SER A 436 -44.73 -10.27 -12.62
C SER A 436 -45.13 -9.31 -13.74
N LYS A 437 -45.77 -8.18 -13.41
CA LYS A 437 -46.16 -7.20 -14.40
C LYS A 437 -45.11 -6.12 -14.62
N ASP A 438 -44.03 -6.13 -13.85
CA ASP A 438 -42.99 -5.12 -14.03
C ASP A 438 -42.11 -5.45 -15.23
N ARG A 439 -41.56 -4.41 -15.84
CA ARG A 439 -40.64 -4.54 -16.96
C ARG A 439 -39.49 -3.56 -16.74
N PRO A 440 -38.30 -3.89 -17.21
CA PRO A 440 -37.19 -2.93 -17.08
C PRO A 440 -37.46 -1.72 -17.96
N TRP A 441 -37.04 -0.55 -17.46
CA TRP A 441 -37.14 0.63 -18.30
C TRP A 441 -36.29 0.44 -19.56
N ILE A 442 -36.92 0.62 -20.73
CA ILE A 442 -36.26 0.53 -22.01
C ILE A 442 -36.59 1.82 -22.74
N TRP A 443 -35.56 2.60 -23.11
CA TRP A 443 -35.78 4.02 -23.39
C TRP A 443 -36.39 4.27 -24.76
N ASN A 444 -36.19 3.39 -25.73
CA ASN A 444 -36.57 3.68 -27.12
C ASN A 444 -37.75 2.85 -27.60
N ILE A 445 -38.71 2.61 -26.71
CA ILE A 445 -40.03 2.09 -27.08
C ILE A 445 -41.07 2.96 -26.38
N PRO A 446 -42.29 3.01 -26.91
CA PRO A 446 -43.30 3.89 -26.32
C PRO A 446 -44.01 3.28 -25.13
N TYR A 447 -44.47 4.16 -24.25
CA TYR A 447 -45.32 3.79 -23.10
C TYR A 447 -46.54 4.70 -23.13
N VAL A 448 -47.69 4.13 -23.48
CA VAL A 448 -48.88 4.94 -23.72
C VAL A 448 -50.08 4.38 -22.96
N LYS A 449 -49.84 3.46 -22.02
CA LYS A 449 -50.93 2.91 -21.23
C LYS A 449 -51.34 3.84 -20.09
N ALA A 450 -50.38 4.49 -19.45
CA ALA A 450 -50.66 5.30 -18.28
C ALA A 450 -49.73 6.50 -18.25
N PRO A 451 -50.24 7.68 -17.90
CA PRO A 451 -49.42 8.90 -17.96
C PRO A 451 -48.52 9.05 -16.76
N ASP A 452 -47.49 9.89 -16.93
CA ASP A 452 -46.51 10.08 -15.86
C ASP A 452 -46.96 11.21 -14.93
N THR A 453 -46.08 11.60 -14.02
CA THR A 453 -46.45 12.58 -12.99
C THR A 453 -46.68 13.97 -13.56
N HIS A 454 -46.36 14.21 -14.83
CA HIS A 454 -46.59 15.49 -15.48
C HIS A 454 -47.76 15.42 -16.46
N GLY A 455 -48.44 14.28 -16.54
CA GLY A 455 -49.58 14.13 -17.43
C GLY A 455 -49.28 13.59 -18.81
N ASN A 456 -48.05 13.11 -19.07
CA ASN A 456 -47.60 12.79 -20.42
C ASN A 456 -47.33 11.31 -20.60
N MET A 457 -47.36 10.89 -21.86
CA MET A 457 -46.91 9.57 -22.28
C MET A 457 -45.47 9.66 -22.78
N TRP A 458 -44.93 8.53 -23.23
CA TRP A 458 -43.57 8.45 -23.74
C TRP A 458 -43.63 7.91 -25.16
N VAL A 459 -43.27 8.74 -26.12
CA VAL A 459 -43.30 8.36 -27.54
C VAL A 459 -41.98 8.78 -28.16
N PRO A 460 -40.95 7.92 -28.17
CA PRO A 460 -39.62 8.24 -28.68
C PRO A 460 -39.62 8.62 -30.16
N ASN B 15 17.62 14.80 8.69
CA ASN B 15 17.40 13.55 7.97
C ASN B 15 15.97 13.06 8.13
N PRO B 16 15.43 12.47 7.07
CA PRO B 16 14.19 11.69 7.21
C PRO B 16 14.43 10.23 7.56
N PHE B 17 15.69 9.77 7.50
CA PHE B 17 15.89 8.33 7.45
C PHE B 17 15.93 7.69 8.82
N GLN B 18 16.38 8.42 9.84
CA GLN B 18 16.43 7.89 11.21
C GLN B 18 17.22 6.58 11.27
N PHE B 19 18.32 6.54 10.52
CA PHE B 19 19.25 5.43 10.53
C PHE B 19 20.49 5.88 11.28
N TYR B 20 20.83 5.17 12.36
CA TYR B 20 21.91 5.54 13.26
C TYR B 20 22.92 4.41 13.37
N LEU B 21 24.15 4.78 13.74
CA LEU B 21 25.13 3.81 14.19
C LEU B 21 25.21 3.84 15.71
N THR B 22 25.68 2.73 16.28
CA THR B 22 25.93 2.73 17.71
C THR B 22 27.21 3.49 18.02
N ARG B 23 27.29 3.98 19.25
CA ARG B 23 28.50 4.64 19.74
C ARG B 23 29.66 3.66 19.78
N VAL B 24 30.85 4.13 19.39
CA VAL B 24 32.07 3.30 19.39
C VAL B 24 33.06 3.92 20.37
N SER B 25 33.48 3.14 21.36
CA SER B 25 34.49 3.59 22.31
C SER B 25 35.87 3.58 21.66
N GLY B 26 36.61 4.66 21.83
CA GLY B 26 37.97 4.68 21.34
C GLY B 26 38.16 5.30 19.99
N VAL B 27 37.15 5.97 19.45
CA VAL B 27 37.30 6.83 18.29
C VAL B 27 37.08 8.26 18.74
N LYS B 28 37.53 9.20 17.90
CA LYS B 28 37.36 10.61 18.19
C LYS B 28 35.88 10.98 18.36
N PRO B 29 35.57 11.92 19.25
CA PRO B 29 34.15 12.25 19.51
C PRO B 29 33.35 12.64 18.27
N LYS B 30 34.01 13.23 17.25
CA LYS B 30 33.26 13.62 16.06
C LYS B 30 32.66 12.42 15.33
N TYR B 31 33.20 11.23 15.53
CA TYR B 31 32.63 10.02 14.94
C TYR B 31 31.53 9.40 15.79
N ASN B 32 31.18 10.02 16.91
CA ASN B 32 30.06 9.57 17.72
C ASN B 32 28.97 10.62 17.83
N SER B 33 29.12 11.79 17.17
CA SER B 33 28.19 12.90 17.42
C SER B 33 26.77 12.51 17.05
N GLY B 34 26.57 11.88 15.90
CA GLY B 34 25.27 11.39 15.52
C GLY B 34 24.96 9.97 15.91
N ALA B 35 25.77 9.33 16.75
CA ALA B 35 25.59 7.92 17.10
C ALA B 35 24.71 7.77 18.34
N LEU B 36 24.25 6.55 18.59
CA LEU B 36 23.33 6.25 19.67
C LEU B 36 23.84 5.09 20.51
N HIS B 37 23.85 5.28 21.82
CA HIS B 37 24.05 4.19 22.76
C HIS B 37 22.70 3.68 23.23
N ILE B 38 22.66 2.44 23.72
CA ILE B 38 21.40 1.90 24.21
C ILE B 38 20.82 2.75 25.33
N LYS B 39 21.68 3.33 26.18
CA LYS B 39 21.17 4.22 27.22
C LYS B 39 20.46 5.44 26.62
N ASP B 40 20.91 5.92 25.45
CA ASP B 40 20.21 7.02 24.79
C ASP B 40 18.82 6.60 24.34
N ILE B 41 18.71 5.38 23.80
CA ILE B 41 17.43 4.91 23.28
C ILE B 41 16.40 4.81 24.39
N LEU B 42 16.83 4.37 25.58
CA LEU B 42 15.92 4.12 26.69
C LEU B 42 15.75 5.33 27.60
N SER B 43 16.37 6.46 27.26
CA SER B 43 16.32 7.66 28.09
C SER B 43 14.90 8.19 28.22
N PRO B 44 14.59 8.91 29.30
N PRO B 44 14.59 8.90 29.31
CA PRO B 44 13.27 9.55 29.42
CA PRO B 44 13.27 9.54 29.41
C PRO B 44 13.04 10.64 28.38
C PRO B 44 13.04 10.63 28.38
N LEU B 45 14.10 11.11 27.73
CA LEU B 45 13.93 12.05 26.63
C LEU B 45 13.19 11.40 25.46
N PHE B 46 13.26 10.08 25.35
CA PHE B 46 12.56 9.37 24.27
C PHE B 46 11.11 9.05 24.60
N GLY B 47 10.70 9.19 25.84
CA GLY B 47 9.34 8.90 26.26
C GLY B 47 9.32 8.35 27.67
N THR B 48 8.12 8.35 28.28
CA THR B 48 7.92 7.87 29.64
C THR B 48 7.53 6.40 29.60
N LEU B 49 8.49 5.52 29.83
CA LEU B 49 8.32 4.10 29.57
C LEU B 49 7.26 3.48 30.47
N VAL B 50 6.37 2.70 29.87
CA VAL B 50 5.36 1.92 30.58
C VAL B 50 5.69 0.43 30.55
N SER B 51 6.15 -0.07 29.41
N SER B 51 6.20 -0.06 29.42
CA SER B 51 6.58 -1.46 29.29
CA SER B 51 6.49 -1.46 29.23
C SER B 51 7.40 -1.57 28.02
C SER B 51 7.36 -1.58 27.99
N SER B 52 8.10 -2.69 27.89
CA SER B 52 8.96 -2.90 26.73
C SER B 52 9.09 -4.37 26.40
N ALA B 53 9.42 -4.64 25.14
CA ALA B 53 9.73 -5.97 24.67
C ALA B 53 11.08 -5.92 23.97
N GLN B 54 11.95 -6.88 24.27
CA GLN B 54 13.30 -6.98 23.71
C GLN B 54 13.40 -8.30 22.96
N PHE B 55 13.35 -8.22 21.62
CA PHE B 55 13.62 -9.36 20.76
C PHE B 55 15.12 -9.41 20.52
N ASN B 56 15.73 -10.57 20.73
CA ASN B 56 17.15 -10.67 20.46
C ASN B 56 17.58 -12.11 20.42
N TYR B 57 18.88 -12.30 20.21
CA TYR B 57 19.51 -13.61 20.18
C TYR B 57 20.22 -13.88 21.50
N CYS B 58 21.11 -12.98 21.91
N CYS B 58 21.11 -12.98 21.94
CA CYS B 58 21.88 -13.09 23.14
CA CYS B 58 21.90 -13.16 23.15
C CYS B 58 21.44 -12.01 24.12
C CYS B 58 21.64 -12.01 24.12
N PHE B 59 21.50 -12.35 25.41
CA PHE B 59 21.10 -11.43 26.47
C PHE B 59 22.09 -11.51 27.62
N ASP B 60 22.47 -10.35 28.16
CA ASP B 60 23.06 -10.22 29.50
C ASP B 60 22.05 -9.42 30.32
N VAL B 61 21.25 -10.13 31.13
CA VAL B 61 20.10 -9.47 31.75
C VAL B 61 20.54 -8.45 32.78
N ASP B 62 21.57 -8.77 33.56
N ASP B 62 21.57 -8.77 33.56
CA ASP B 62 22.09 -7.80 34.52
CA ASP B 62 22.09 -7.80 34.53
C ASP B 62 22.52 -6.51 33.81
C ASP B 62 22.54 -6.52 33.83
N TRP B 63 23.26 -6.65 32.71
CA TRP B 63 23.68 -5.48 31.95
C TRP B 63 22.48 -4.75 31.37
N LEU B 64 21.52 -5.49 30.80
CA LEU B 64 20.39 -4.88 30.11
C LEU B 64 19.57 -4.01 31.07
N VAL B 65 19.27 -4.52 32.26
CA VAL B 65 18.47 -3.74 33.20
C VAL B 65 19.18 -2.45 33.56
N LYS B 66 20.52 -2.49 33.67
CA LYS B 66 21.29 -1.29 33.98
C LYS B 66 21.24 -0.23 32.88
N GLN B 67 20.88 -0.62 31.65
CA GLN B 67 20.76 0.37 30.59
C GLN B 67 19.45 1.14 30.64
N TYR B 68 18.42 0.60 31.30
CA TYR B 68 17.21 1.37 31.50
C TYR B 68 17.45 2.43 32.57
N PRO B 69 16.87 3.63 32.43
CA PRO B 69 16.98 4.62 33.49
C PRO B 69 16.47 4.06 34.80
N PRO B 70 17.01 4.52 35.93
CA PRO B 70 16.59 3.96 37.23
C PRO B 70 15.08 3.99 37.44
N GLU B 71 14.43 5.09 37.06
CA GLU B 71 13.00 5.24 37.23
C GLU B 71 12.18 4.29 36.36
N PHE B 72 12.78 3.62 35.37
CA PHE B 72 12.06 2.69 34.51
C PHE B 72 12.46 1.24 34.76
N ARG B 73 13.34 0.98 35.72
CA ARG B 73 13.94 -0.36 35.80
C ARG B 73 12.98 -1.41 36.33
N LYS B 74 11.84 -1.04 36.91
CA LYS B 74 10.88 -2.02 37.38
C LYS B 74 9.69 -2.19 36.42
N LYS B 75 9.60 -1.40 35.35
CA LYS B 75 8.56 -1.59 34.36
C LYS B 75 8.69 -2.99 33.74
N PRO B 76 7.58 -3.57 33.29
CA PRO B 76 7.66 -4.94 32.75
C PRO B 76 8.52 -4.99 31.49
N ILE B 77 9.26 -6.08 31.34
CA ILE B 77 10.13 -6.32 30.21
C ILE B 77 9.89 -7.73 29.71
N LEU B 78 9.65 -7.88 28.41
CA LEU B 78 9.47 -9.18 27.79
C LEU B 78 10.71 -9.50 26.95
N LEU B 79 11.38 -10.59 27.27
CA LEU B 79 12.51 -11.05 26.48
C LEU B 79 12.02 -12.11 25.50
N VAL B 80 12.15 -11.83 24.21
CA VAL B 80 11.80 -12.79 23.17
C VAL B 80 13.08 -13.41 22.63
N HIS B 81 13.20 -14.73 22.78
CA HIS B 81 14.44 -15.46 22.50
C HIS B 81 14.12 -16.79 21.83
N GLY B 82 15.16 -17.49 21.37
CA GLY B 82 14.99 -18.78 20.72
C GLY B 82 15.65 -19.95 21.44
N ASP B 83 16.04 -19.73 22.69
CA ASP B 83 16.87 -20.70 23.42
C ASP B 83 16.06 -21.94 23.84
N LYS B 84 16.72 -23.09 23.80
CA LYS B 84 16.13 -24.36 24.22
C LYS B 84 17.02 -25.04 25.25
N ARG B 85 16.43 -25.99 25.98
CA ARG B 85 17.16 -26.97 26.82
C ARG B 85 18.00 -26.22 27.86
N GLU B 86 19.32 -26.47 27.95
CA GLU B 86 20.12 -25.83 28.99
C GLU B 86 20.22 -24.33 28.77
N ALA B 87 20.42 -23.90 27.52
CA ALA B 87 20.48 -22.48 27.21
C ALA B 87 19.24 -21.76 27.71
N LYS B 88 18.06 -22.37 27.51
CA LYS B 88 16.84 -21.76 27.99
C LYS B 88 16.82 -21.65 29.51
N ALA B 89 17.27 -22.72 30.20
CA ALA B 89 17.34 -22.67 31.66
C ALA B 89 18.26 -21.55 32.14
N HIS B 90 19.41 -21.38 31.47
CA HIS B 90 20.34 -20.34 31.89
C HIS B 90 19.73 -18.95 31.74
N LEU B 91 19.04 -18.69 30.62
CA LEU B 91 18.40 -17.39 30.45
C LEU B 91 17.35 -17.16 31.53
N HIS B 92 16.55 -18.18 31.84
CA HIS B 92 15.59 -18.05 32.94
C HIS B 92 16.29 -17.76 34.25
N ALA B 93 17.45 -18.38 34.48
CA ALA B 93 18.21 -18.11 35.70
C ALA B 93 18.65 -16.64 35.77
N GLN B 94 19.10 -16.08 34.65
CA GLN B 94 19.50 -14.67 34.64
C GLN B 94 18.34 -13.76 35.03
N ALA B 95 17.12 -14.11 34.59
CA ALA B 95 15.99 -13.22 34.76
C ALA B 95 15.31 -13.35 36.13
N LYS B 96 15.51 -14.47 36.81
CA LYS B 96 14.87 -14.72 38.11
C LYS B 96 14.97 -13.56 39.09
N PRO B 97 16.13 -12.92 39.31
CA PRO B 97 16.18 -11.81 40.27
C PRO B 97 15.24 -10.66 39.97
N TYR B 98 14.77 -10.51 38.73
CA TYR B 98 13.93 -9.37 38.34
C TYR B 98 12.51 -9.89 38.10
N GLU B 99 11.61 -9.54 39.02
CA GLU B 99 10.24 -10.05 38.97
C GLU B 99 9.42 -9.44 37.85
N ASN B 100 9.90 -8.36 37.24
CA ASN B 100 9.21 -7.69 36.14
C ASN B 100 9.58 -8.25 34.78
N ILE B 101 10.45 -9.25 34.70
CA ILE B 101 10.94 -9.74 33.42
C ILE B 101 10.23 -11.04 33.08
N SER B 102 9.47 -11.02 31.99
CA SER B 102 8.87 -12.22 31.42
C SER B 102 9.65 -12.65 30.19
N LEU B 103 9.50 -13.91 29.83
CA LEU B 103 10.22 -14.51 28.72
C LEU B 103 9.27 -15.17 27.74
N CYS B 104 9.60 -15.09 26.46
CA CYS B 104 8.84 -15.71 25.38
C CYS B 104 9.79 -16.50 24.51
N GLN B 105 9.62 -17.81 24.45
CA GLN B 105 10.48 -18.68 23.66
C GLN B 105 9.89 -18.84 22.27
N ALA B 106 10.51 -18.20 21.29
CA ALA B 106 10.08 -18.33 19.91
C ALA B 106 10.26 -19.75 19.43
N LYS B 107 9.23 -20.32 18.82
CA LYS B 107 9.31 -21.71 18.38
C LYS B 107 10.23 -21.82 17.17
N LEU B 108 11.09 -22.85 17.21
CA LEU B 108 12.06 -23.13 16.16
C LEU B 108 11.89 -24.61 15.80
N ASP B 109 10.90 -24.89 14.98
CA ASP B 109 10.54 -26.27 14.66
C ASP B 109 11.27 -26.82 13.46
N ILE B 110 12.02 -26.00 12.74
CA ILE B 110 12.91 -26.46 11.69
C ILE B 110 14.31 -26.51 12.26
N ALA B 111 15.05 -27.55 11.90
CA ALA B 111 16.39 -27.76 12.46
C ALA B 111 17.35 -26.67 11.98
N PHE B 112 18.31 -26.34 12.85
CA PHE B 112 19.39 -25.39 12.56
C PHE B 112 18.86 -23.98 12.35
N GLY B 113 17.73 -23.65 12.97
CA GLY B 113 17.19 -22.32 12.94
C GLY B 113 17.50 -21.57 14.23
N THR B 114 17.57 -20.24 14.14
N THR B 114 17.47 -20.23 14.12
CA THR B 114 17.75 -19.43 15.34
CA THR B 114 17.87 -19.31 15.17
C THR B 114 16.84 -18.23 15.28
C THR B 114 16.89 -18.15 15.24
N HIS B 115 16.73 -17.56 16.41
CA HIS B 115 15.96 -16.34 16.55
C HIS B 115 16.95 -15.18 16.52
N HIS B 116 17.18 -14.61 15.33
CA HIS B 116 18.17 -13.54 15.16
C HIS B 116 17.58 -12.15 15.26
N THR B 117 16.27 -12.00 15.15
CA THR B 117 15.62 -10.70 15.14
C THR B 117 16.02 -9.86 16.34
N LYS B 118 16.45 -8.62 16.07
CA LYS B 118 16.80 -7.64 17.08
C LYS B 118 15.87 -6.45 16.98
N MET B 119 14.96 -6.31 17.95
CA MET B 119 13.93 -5.30 17.91
C MET B 119 13.55 -4.91 19.34
N MET B 120 13.25 -3.64 19.53
CA MET B 120 12.66 -3.14 20.76
C MET B 120 11.26 -2.62 20.46
N LEU B 121 10.29 -3.03 21.28
CA LEU B 121 8.98 -2.38 21.28
C LEU B 121 8.90 -1.59 22.58
N LEU B 122 8.70 -0.28 22.47
CA LEU B 122 8.75 0.59 23.63
C LEU B 122 7.41 1.31 23.78
N LEU B 123 6.64 0.95 24.82
CA LEU B 123 5.36 1.57 25.08
C LEU B 123 5.53 2.70 26.09
N TYR B 124 5.11 3.90 25.73
CA TYR B 124 5.18 5.09 26.58
C TYR B 124 3.79 5.56 26.97
N GLU B 125 3.76 6.47 27.95
CA GLU B 125 2.55 7.24 28.22
C GLU B 125 2.17 8.09 27.01
N GLU B 126 3.16 8.53 26.24
CA GLU B 126 2.93 9.43 25.12
C GLU B 126 2.69 8.71 23.81
N GLY B 127 2.91 7.40 23.74
CA GLY B 127 2.78 6.70 22.47
C GLY B 127 3.60 5.42 22.45
N LEU B 128 4.02 5.03 21.24
CA LEU B 128 4.71 3.77 21.01
C LEU B 128 5.89 4.02 20.09
N ARG B 129 7.00 3.34 20.34
CA ARG B 129 8.17 3.37 19.47
C ARG B 129 8.63 1.96 19.13
N VAL B 130 9.10 1.78 17.89
CA VAL B 130 9.67 0.53 17.42
C VAL B 130 11.13 0.82 17.06
N VAL B 131 12.04 -0.01 17.55
CA VAL B 131 13.46 0.08 17.25
C VAL B 131 13.87 -1.23 16.60
N ILE B 132 14.40 -1.18 15.39
CA ILE B 132 14.91 -2.37 14.71
C ILE B 132 16.40 -2.16 14.48
N HIS B 133 17.20 -3.10 14.96
CA HIS B 133 18.64 -2.83 15.07
C HIS B 133 19.40 -4.15 14.88
N THR B 134 20.72 -4.11 15.12
CA THR B 134 21.55 -5.26 14.80
C THR B 134 22.38 -5.78 15.98
N SER B 135 22.23 -5.20 17.17
CA SER B 135 23.09 -5.53 18.31
C SER B 135 22.46 -6.56 19.25
N ASN B 136 23.27 -7.51 19.70
CA ASN B 136 22.88 -8.31 20.85
C ASN B 136 22.84 -7.47 22.11
N LEU B 137 22.09 -7.93 23.12
CA LEU B 137 21.95 -7.18 24.36
C LEU B 137 23.02 -7.60 25.35
N ILE B 138 24.26 -7.36 24.94
CA ILE B 138 25.46 -7.63 25.75
C ILE B 138 26.42 -6.46 25.56
N HIS B 139 27.23 -6.21 26.59
CA HIS B 139 28.10 -5.03 26.57
C HIS B 139 28.95 -4.97 25.31
N ALA B 140 29.50 -6.11 24.88
CA ALA B 140 30.48 -6.10 23.79
C ALA B 140 29.87 -5.64 22.47
N ASP B 141 28.58 -5.89 22.27
CA ASP B 141 27.99 -5.52 21.00
C ASP B 141 27.74 -4.03 20.85
N TRP B 142 27.81 -3.27 21.94
CA TRP B 142 27.61 -1.82 21.90
C TRP B 142 28.88 -1.06 22.21
N HIS B 143 30.01 -1.75 22.27
CA HIS B 143 31.26 -1.15 22.72
C HIS B 143 32.12 -0.66 21.56
N GLN B 144 32.66 -1.57 20.74
CA GLN B 144 33.59 -1.18 19.68
C GLN B 144 33.24 -1.82 18.34
N LYS B 145 31.95 -2.04 18.07
CA LYS B 145 31.51 -2.62 16.80
C LYS B 145 30.74 -1.59 16.00
N THR B 146 30.69 -1.83 14.69
CA THR B 146 29.78 -1.08 13.82
C THR B 146 28.44 -1.80 13.81
N GLN B 147 27.42 -1.15 14.34
CA GLN B 147 26.07 -1.66 14.43
C GLN B 147 25.11 -0.61 13.90
N GLY B 148 23.94 -1.05 13.44
CA GLY B 148 22.96 -0.16 12.84
C GLY B 148 21.66 -0.18 13.62
N ILE B 149 20.97 0.98 13.62
CA ILE B 149 19.72 1.19 14.34
C ILE B 149 18.75 1.97 13.45
N TRP B 150 17.51 1.51 13.35
CA TRP B 150 16.43 2.32 12.82
C TRP B 150 15.48 2.67 13.97
N LEU B 151 15.19 3.96 14.12
CA LEU B 151 14.26 4.48 15.11
C LEU B 151 12.97 4.91 14.44
N SER B 152 11.87 4.35 14.89
CA SER B 152 10.58 4.77 14.40
C SER B 152 10.23 6.15 14.95
N PRO B 153 9.29 6.85 14.32
CA PRO B 153 8.68 8.01 14.97
C PRO B 153 8.00 7.59 16.27
N LEU B 154 7.71 8.58 17.11
CA LEU B 154 6.77 8.38 18.20
C LEU B 154 5.38 8.22 17.60
N TYR B 155 4.81 7.04 17.79
CA TYR B 155 3.50 6.74 17.24
C TYR B 155 2.44 7.10 18.27
N PRO B 156 1.53 8.02 17.98
CA PRO B 156 0.49 8.38 18.96
C PRO B 156 -0.59 7.31 19.05
N ARG B 157 -1.29 7.33 20.17
CA ARG B 157 -2.42 6.43 20.34
C ARG B 157 -3.60 6.93 19.52
N ILE B 158 -4.36 6.00 18.94
CA ILE B 158 -5.61 6.37 18.28
C ILE B 158 -6.66 6.63 19.36
N ALA B 159 -7.36 7.75 19.24
CA ALA B 159 -8.38 8.11 20.23
C ALA B 159 -9.42 7.00 20.36
N ASP B 160 -9.72 6.61 21.60
CA ASP B 160 -10.78 5.65 21.83
C ASP B 160 -12.11 6.19 21.30
N GLY B 161 -12.85 5.35 20.59
CA GLY B 161 -14.02 5.79 19.88
C GLY B 161 -13.74 6.02 18.40
N THR B 162 -12.54 6.52 18.10
CA THR B 162 -12.15 6.75 16.71
C THR B 162 -11.84 5.43 16.03
N HIS B 163 -12.35 5.27 14.80
CA HIS B 163 -12.03 4.12 13.95
C HIS B 163 -11.20 4.63 12.79
N LYS B 164 -9.89 4.37 12.83
CA LYS B 164 -9.00 4.61 11.70
C LYS B 164 -8.00 3.47 11.62
N SER B 165 -7.36 3.32 10.46
CA SER B 165 -6.44 2.20 10.31
C SER B 165 -5.12 2.44 11.05
N GLY B 166 -4.66 3.68 11.10
CA GLY B 166 -3.31 3.93 11.57
C GLY B 166 -2.24 3.36 10.66
N GLU B 167 -2.56 3.11 9.39
CA GLU B 167 -1.64 2.42 8.49
C GLU B 167 -0.82 3.43 7.68
N SER B 168 0.42 3.01 7.34
N SER B 168 0.40 3.02 7.34
CA SER B 168 1.30 3.84 6.55
CA SER B 168 1.31 3.83 6.54
C SER B 168 1.22 3.44 5.08
C SER B 168 1.25 3.43 5.08
N PRO B 169 1.69 4.30 4.17
CA PRO B 169 1.76 3.90 2.75
C PRO B 169 2.66 2.69 2.52
N THR B 170 3.57 2.37 3.44
CA THR B 170 4.42 1.19 3.30
C THR B 170 3.83 -0.07 3.93
N HIS B 171 2.60 0.02 4.46
CA HIS B 171 1.92 -1.10 5.09
C HIS B 171 2.66 -1.63 6.31
N PHE B 172 3.47 -0.77 6.94
CA PHE B 172 4.32 -1.21 8.05
C PHE B 172 3.49 -1.75 9.23
N LYS B 173 2.35 -1.13 9.54
CA LYS B 173 1.57 -1.56 10.71
C LYS B 173 1.07 -2.99 10.53
N ALA B 174 0.39 -3.25 9.41
CA ALA B 174 -0.05 -4.62 9.13
C ALA B 174 1.11 -5.60 9.01
N ASP B 175 2.23 -5.15 8.43
CA ASP B 175 3.34 -6.08 8.22
C ASP B 175 4.01 -6.44 9.55
N LEU B 176 4.10 -5.47 10.47
CA LEU B 176 4.66 -5.77 11.79
C LEU B 176 3.74 -6.71 12.57
N ILE B 177 2.42 -6.48 12.51
CA ILE B 177 1.49 -7.38 13.18
C ILE B 177 1.59 -8.78 12.59
N SER B 178 1.68 -8.88 11.25
N SER B 178 1.67 -8.87 11.26
CA SER B 178 1.83 -10.19 10.63
CA SER B 178 1.84 -10.16 10.60
C SER B 178 3.10 -10.89 11.10
C SER B 178 3.10 -10.88 11.09
N TYR B 179 4.21 -10.13 11.22
CA TYR B 179 5.44 -10.73 11.70
C TYR B 179 5.26 -11.30 13.10
N LEU B 180 4.64 -10.53 13.99
CA LEU B 180 4.43 -10.98 15.36
C LEU B 180 3.40 -12.11 15.44
N MET B 181 2.41 -12.11 14.53
N MET B 181 2.42 -12.12 14.54
CA MET B 181 1.42 -13.19 14.55
CA MET B 181 1.43 -13.19 14.56
C MET B 181 2.07 -14.54 14.28
C MET B 181 2.06 -14.54 14.27
N ALA B 182 3.14 -14.56 13.48
CA ALA B 182 3.80 -15.80 13.14
C ALA B 182 4.43 -16.50 14.33
N TYR B 183 4.63 -15.80 15.45
CA TYR B 183 5.16 -16.45 16.65
C TYR B 183 4.12 -17.33 17.32
N ASN B 184 2.83 -17.00 17.14
CA ASN B 184 1.75 -17.74 17.78
C ASN B 184 1.95 -17.79 19.30
N ALA B 185 2.28 -16.64 19.87
CA ALA B 185 2.67 -16.58 21.26
C ALA B 185 1.74 -15.67 22.04
N PRO B 186 1.24 -16.10 23.20
CA PRO B 186 0.29 -15.25 23.95
C PRO B 186 0.87 -13.93 24.40
N SER B 187 2.15 -13.88 24.79
CA SER B 187 2.72 -12.62 25.25
C SER B 187 2.84 -11.61 24.11
N LEU B 188 2.99 -12.10 22.88
CA LEU B 188 3.09 -11.21 21.72
C LEU B 188 1.72 -10.78 21.22
N LYS B 189 0.68 -11.61 21.43
CA LYS B 189 -0.67 -11.14 21.11
C LYS B 189 -1.01 -9.88 21.90
N GLU B 190 -0.49 -9.77 23.12
CA GLU B 190 -0.68 -8.54 23.89
C GLU B 190 -0.03 -7.34 23.22
N TRP B 191 1.15 -7.54 22.63
CA TRP B 191 1.83 -6.45 21.94
C TRP B 191 1.17 -6.13 20.61
N ILE B 192 0.63 -7.16 19.93
CA ILE B 192 -0.19 -6.93 18.74
C ILE B 192 -1.36 -6.01 19.06
N ASP B 193 -2.04 -6.27 20.17
CA ASP B 193 -3.15 -5.42 20.57
C ASP B 193 -2.70 -3.99 20.87
N VAL B 194 -1.49 -3.82 21.44
CA VAL B 194 -0.95 -2.48 21.63
C VAL B 194 -0.73 -1.79 20.28
N ILE B 195 -0.11 -2.50 19.34
CA ILE B 195 0.17 -1.90 18.04
C ILE B 195 -1.14 -1.49 17.36
N HIS B 196 -2.16 -2.34 17.43
CA HIS B 196 -3.47 -2.03 16.84
C HIS B 196 -3.98 -0.67 17.32
N LYS B 197 -3.73 -0.31 18.57
CA LYS B 197 -4.26 0.92 19.13
C LYS B 197 -3.44 2.16 18.81
N HIS B 198 -2.36 2.02 18.04
CA HIS B 198 -1.52 3.17 17.72
C HIS B 198 -1.53 3.51 16.23
N ASP B 199 -1.21 4.77 15.95
CA ASP B 199 -1.18 5.34 14.59
C ASP B 199 0.26 5.29 14.07
N LEU B 200 0.52 4.35 13.17
CA LEU B 200 1.86 4.16 12.60
C LEU B 200 1.96 4.76 11.18
N SER B 201 1.04 5.65 10.83
CA SER B 201 0.93 6.11 9.45
C SER B 201 2.13 6.92 8.99
N GLU B 202 2.94 7.45 9.91
CA GLU B 202 4.10 8.22 9.46
C GLU B 202 5.28 7.36 9.02
N THR B 203 5.17 6.03 9.08
CA THR B 203 6.31 5.17 8.81
C THR B 203 6.63 5.15 7.32
N ASN B 204 7.90 5.40 6.99
N ASN B 204 7.89 5.39 6.97
CA ASN B 204 8.34 5.51 5.59
CA ASN B 204 8.27 5.46 5.56
C ASN B 204 9.26 4.37 5.17
C ASN B 204 9.24 4.36 5.16
N VAL B 205 9.42 3.33 5.99
CA VAL B 205 10.22 2.17 5.62
C VAL B 205 9.29 0.97 5.46
N TYR B 206 9.77 -0.02 4.70
CA TYR B 206 9.11 -1.31 4.53
C TYR B 206 9.75 -2.34 5.44
N LEU B 207 8.92 -3.17 6.06
CA LEU B 207 9.43 -4.25 6.90
C LEU B 207 9.78 -5.47 6.06
N ILE B 208 10.96 -6.04 6.30
CA ILE B 208 11.35 -7.27 5.62
C ILE B 208 11.70 -8.27 6.69
N GLY B 209 10.82 -9.24 6.92
CA GLY B 209 11.07 -10.24 7.94
C GLY B 209 11.25 -11.64 7.39
N SER B 210 11.86 -12.50 8.20
CA SER B 210 11.89 -13.92 7.97
C SER B 210 11.30 -14.61 9.20
N THR B 211 10.61 -15.72 8.96
N THR B 211 10.56 -15.69 8.96
CA THR B 211 10.03 -16.54 10.01
CA THR B 211 10.02 -16.53 10.03
C THR B 211 10.14 -17.99 9.58
C THR B 211 10.18 -17.98 9.57
N PRO B 212 10.32 -18.92 10.50
CA PRO B 212 10.57 -20.31 10.09
C PRO B 212 9.34 -20.92 9.45
N GLY B 213 9.55 -21.67 8.39
CA GLY B 213 8.45 -22.37 7.79
C GLY B 213 8.75 -22.82 6.38
N ARG B 214 7.73 -23.41 5.77
N ARG B 214 7.72 -23.38 5.76
CA ARG B 214 7.75 -23.80 4.37
CA ARG B 214 7.74 -23.82 4.37
C ARG B 214 6.55 -23.15 3.71
C ARG B 214 6.55 -23.17 3.70
N PHE B 215 6.81 -22.16 2.87
CA PHE B 215 5.76 -21.32 2.31
C PHE B 215 5.58 -21.61 0.83
N GLN B 216 4.33 -21.67 0.41
CA GLN B 216 4.00 -21.93 -0.99
C GLN B 216 2.89 -20.99 -1.40
N GLY B 217 2.65 -20.94 -2.71
CA GLY B 217 1.65 -20.04 -3.23
C GLY B 217 2.03 -18.59 -2.97
N SER B 218 1.01 -17.78 -2.71
CA SER B 218 1.25 -16.36 -2.46
C SER B 218 2.05 -16.16 -1.18
N GLN B 219 1.96 -17.09 -0.23
CA GLN B 219 2.66 -16.93 1.04
C GLN B 219 4.17 -16.85 0.86
N LYS B 220 4.70 -17.36 -0.26
CA LYS B 220 6.14 -17.22 -0.52
C LYS B 220 6.57 -15.77 -0.51
N ASP B 221 5.71 -14.85 -0.96
CA ASP B 221 6.08 -13.44 -1.04
C ASP B 221 6.11 -12.75 0.33
N ASN B 222 5.77 -13.45 1.41
CA ASN B 222 5.68 -12.80 2.71
C ASN B 222 7.02 -12.59 3.37
N TRP B 223 8.03 -13.40 3.03
CA TRP B 223 9.22 -13.51 3.87
C TRP B 223 10.49 -13.63 3.03
N GLY B 224 11.62 -13.30 3.66
CA GLY B 224 12.92 -13.58 3.09
C GLY B 224 13.14 -12.88 1.76
N HIS B 225 13.89 -13.55 0.89
CA HIS B 225 14.29 -12.86 -0.34
C HIS B 225 13.15 -12.75 -1.33
N PHE B 226 12.10 -13.57 -1.19
CA PHE B 226 10.91 -13.35 -2.00
C PHE B 226 10.15 -12.11 -1.55
N ARG B 227 10.17 -11.80 -0.25
CA ARG B 227 9.59 -10.55 0.23
C ARG B 227 10.32 -9.36 -0.36
N LEU B 228 11.65 -9.40 -0.36
CA LEU B 228 12.42 -8.34 -0.98
C LEU B 228 12.10 -8.21 -2.46
N LYS B 229 12.09 -9.34 -3.19
CA LYS B 229 11.78 -9.31 -4.61
C LYS B 229 10.42 -8.65 -4.86
N LYS B 230 9.42 -9.03 -4.08
CA LYS B 230 8.08 -8.46 -4.26
C LYS B 230 8.07 -6.96 -4.05
N LEU B 231 8.75 -6.47 -3.01
CA LEU B 231 8.77 -5.03 -2.75
C LEU B 231 9.49 -4.28 -3.86
N LEU B 232 10.61 -4.83 -4.36
CA LEU B 232 11.36 -4.16 -5.41
C LEU B 232 10.55 -4.14 -6.71
N LYS B 233 9.80 -5.19 -6.98
CA LYS B 233 8.95 -5.22 -8.16
C LYS B 233 7.84 -4.19 -8.08
N ASP B 234 7.19 -4.07 -6.92
CA ASP B 234 6.02 -3.21 -6.78
C ASP B 234 6.37 -1.74 -6.50
N HIS B 235 7.55 -1.45 -5.94
CA HIS B 235 7.80 -0.11 -5.41
C HIS B 235 9.13 0.50 -5.84
N ALA B 236 9.88 -0.17 -6.70
CA ALA B 236 11.06 0.43 -7.32
C ALA B 236 10.87 0.46 -8.82
N SER B 237 11.57 1.38 -9.48
CA SER B 237 11.52 1.50 -10.93
C SER B 237 12.83 1.03 -11.53
N SER B 238 12.78 0.38 -12.68
CA SER B 238 14.01 0.07 -13.39
C SER B 238 14.48 1.31 -14.13
N MET B 239 15.80 1.43 -14.26
CA MET B 239 16.38 2.58 -14.93
C MET B 239 17.15 2.10 -16.15
N PRO B 240 17.52 2.99 -17.07
CA PRO B 240 18.39 2.56 -18.18
C PRO B 240 19.73 2.11 -17.64
N ASN B 241 20.30 1.08 -18.29
CA ASN B 241 21.60 0.56 -17.89
C ASN B 241 21.56 -0.05 -16.49
N ALA B 242 20.41 -0.63 -16.12
CA ALA B 242 20.27 -1.23 -14.80
C ALA B 242 21.26 -2.36 -14.58
N GLU B 243 21.62 -3.09 -15.64
CA GLU B 243 22.58 -4.18 -15.53
C GLU B 243 23.94 -3.70 -15.03
N SER B 244 24.19 -2.40 -15.07
CA SER B 244 25.45 -1.82 -14.61
C SER B 244 25.41 -1.41 -13.15
N TRP B 245 24.22 -1.39 -12.53
CA TRP B 245 24.10 -1.05 -11.11
C TRP B 245 24.44 -2.28 -10.29
N PRO B 246 25.54 -2.24 -9.55
CA PRO B 246 25.94 -3.40 -8.74
C PRO B 246 24.97 -3.68 -7.61
N VAL B 247 25.08 -4.89 -7.06
CA VAL B 247 24.45 -5.25 -5.79
C VAL B 247 25.57 -5.38 -4.77
N VAL B 248 25.36 -4.82 -3.59
CA VAL B 248 26.33 -4.92 -2.49
C VAL B 248 25.65 -5.64 -1.33
N GLY B 249 26.31 -6.66 -0.80
CA GLY B 249 25.87 -7.31 0.43
C GLY B 249 26.99 -7.25 1.45
N GLN B 250 26.64 -7.00 2.71
CA GLN B 250 27.63 -6.74 3.76
C GLN B 250 27.12 -7.43 5.03
N PHE B 251 27.93 -8.32 5.62
CA PHE B 251 27.39 -9.25 6.60
C PHE B 251 28.48 -9.66 7.59
N SER B 252 28.07 -10.36 8.66
CA SER B 252 29.01 -10.78 9.68
C SER B 252 29.21 -12.28 9.73
N SER B 253 28.51 -13.03 8.89
CA SER B 253 28.70 -14.47 8.81
C SER B 253 28.12 -14.96 7.50
N VAL B 254 28.50 -16.19 7.14
CA VAL B 254 28.12 -16.81 5.88
C VAL B 254 27.71 -18.24 6.17
N GLY B 255 26.58 -18.67 5.60
CA GLY B 255 26.18 -20.05 5.68
C GLY B 255 26.76 -20.87 4.53
N SER B 256 26.39 -22.16 4.51
N SER B 256 26.39 -22.15 4.50
CA SER B 256 26.75 -23.01 3.39
CA SER B 256 26.75 -23.01 3.39
C SER B 256 25.87 -22.68 2.19
C SER B 256 25.87 -22.68 2.19
N LEU B 257 26.49 -22.19 1.11
CA LEU B 257 25.76 -21.73 -0.06
C LEU B 257 25.71 -22.77 -1.19
N GLY B 258 26.46 -23.84 -1.09
CA GLY B 258 26.48 -24.87 -2.12
C GLY B 258 27.83 -24.99 -2.79
N ALA B 259 27.88 -25.88 -3.79
CA ALA B 259 29.14 -26.24 -4.43
C ALA B 259 29.62 -25.21 -5.44
N ASP B 260 28.74 -24.34 -5.93
CA ASP B 260 29.14 -23.26 -6.82
C ASP B 260 28.08 -22.17 -6.74
N GLU B 261 28.33 -21.06 -7.42
CA GLU B 261 27.45 -19.90 -7.33
C GLU B 261 26.06 -20.16 -7.89
N SER B 262 25.93 -21.12 -8.82
CA SER B 262 24.65 -21.38 -9.46
C SER B 262 23.67 -22.12 -8.57
N LYS B 263 24.11 -22.65 -7.44
CA LYS B 263 23.22 -23.45 -6.59
C LYS B 263 22.25 -22.60 -5.78
N TRP B 264 22.60 -21.34 -5.49
CA TRP B 264 21.71 -20.49 -4.71
C TRP B 264 22.10 -19.02 -4.82
N LEU B 265 23.39 -18.72 -4.69
CA LEU B 265 23.82 -17.31 -4.57
C LEU B 265 23.48 -16.52 -5.83
N CYS B 266 23.99 -16.95 -6.98
CA CYS B 266 23.78 -16.21 -8.21
C CYS B 266 22.55 -16.66 -8.97
N SER B 267 21.90 -17.75 -8.54
CA SER B 267 20.60 -18.08 -9.11
C SER B 267 19.54 -17.32 -8.31
N GLU B 268 19.02 -17.90 -7.22
CA GLU B 268 17.81 -17.32 -6.66
C GLU B 268 18.06 -16.10 -5.78
N PHE B 269 19.17 -16.07 -5.02
CA PHE B 269 19.39 -14.93 -4.12
C PHE B 269 19.67 -13.65 -4.91
N LYS B 270 20.67 -13.69 -5.80
CA LYS B 270 21.01 -12.51 -6.59
C LYS B 270 19.85 -12.11 -7.50
N GLU B 271 19.09 -13.08 -8.00
CA GLU B 271 17.95 -12.76 -8.86
C GLU B 271 16.93 -11.91 -8.13
N SER B 272 16.64 -12.24 -6.87
CA SER B 272 15.74 -11.40 -6.08
C SER B 272 16.35 -10.02 -5.87
N MET B 273 17.65 -9.95 -5.58
CA MET B 273 18.23 -8.65 -5.28
C MET B 273 18.38 -7.77 -6.51
N LEU B 274 18.37 -8.36 -7.71
N LEU B 274 18.40 -8.32 -7.72
CA LEU B 274 18.47 -7.60 -8.96
CA LEU B 274 18.50 -7.48 -8.91
C LEU B 274 17.15 -6.99 -9.38
C LEU B 274 17.15 -7.06 -9.46
N THR B 275 16.05 -7.42 -8.78
CA THR B 275 14.73 -7.02 -9.24
C THR B 275 14.54 -5.51 -9.14
N LEU B 276 13.98 -4.92 -10.20
CA LEU B 276 13.57 -3.51 -10.20
C LEU B 276 12.37 -3.38 -11.11
N GLY B 277 11.22 -3.02 -10.55
CA GLY B 277 10.04 -2.80 -11.38
C GLY B 277 9.38 -4.09 -11.82
N LYS B 278 8.37 -3.92 -12.69
CA LYS B 278 7.46 -5.01 -13.02
C LYS B 278 7.73 -5.68 -14.36
N GLU B 279 8.55 -5.08 -15.22
CA GLU B 279 8.80 -5.65 -16.54
C GLU B 279 9.93 -6.69 -16.43
N SER B 280 10.38 -7.21 -17.57
CA SER B 280 11.38 -8.27 -17.56
C SER B 280 12.48 -8.04 -18.59
N SER B 286 22.78 -13.28 -16.06
CA SER B 286 22.92 -11.89 -15.62
C SER B 286 24.38 -11.51 -15.39
N SER B 287 24.74 -10.29 -15.76
CA SER B 287 26.12 -9.81 -15.64
C SER B 287 26.22 -8.63 -14.67
N VAL B 288 25.30 -8.55 -13.72
CA VAL B 288 25.36 -7.49 -12.70
C VAL B 288 26.48 -7.83 -11.73
N PRO B 289 27.37 -6.88 -11.41
CA PRO B 289 28.42 -7.16 -10.42
C PRO B 289 27.84 -7.32 -9.03
N LEU B 290 28.35 -8.31 -8.30
CA LEU B 290 27.95 -8.57 -6.92
C LEU B 290 29.18 -8.38 -6.03
N TYR B 291 29.11 -7.40 -5.12
CA TYR B 291 30.18 -7.08 -4.17
C TYR B 291 29.76 -7.58 -2.80
N LEU B 292 30.57 -8.46 -2.20
CA LEU B 292 30.30 -8.95 -0.86
C LEU B 292 31.37 -8.41 0.08
N ILE B 293 30.95 -7.74 1.14
CA ILE B 293 31.86 -7.10 2.10
C ILE B 293 31.89 -7.93 3.37
N TYR B 294 33.07 -8.44 3.72
CA TYR B 294 33.26 -9.31 4.86
C TYR B 294 34.69 -9.15 5.34
N PRO B 295 34.91 -8.95 6.64
CA PRO B 295 36.27 -8.66 7.15
C PRO B 295 37.28 -9.74 6.81
N SER B 296 38.42 -9.30 6.29
CA SER B 296 39.59 -10.16 6.15
C SER B 296 40.21 -10.42 7.52
N VAL B 297 41.10 -11.40 7.56
CA VAL B 297 41.86 -11.64 8.79
C VAL B 297 42.60 -10.39 9.21
N GLU B 298 43.21 -9.67 8.25
N GLU B 298 43.20 -9.68 8.25
CA GLU B 298 43.95 -8.47 8.60
CA GLU B 298 43.95 -8.46 8.59
C GLU B 298 43.03 -7.39 9.17
C GLU B 298 43.04 -7.39 9.16
N ASN B 299 41.81 -7.26 8.61
CA ASN B 299 40.84 -6.32 9.16
C ASN B 299 40.59 -6.61 10.63
N VAL B 300 40.44 -7.89 10.98
CA VAL B 300 40.15 -8.26 12.36
C VAL B 300 41.39 -8.06 13.24
N ARG B 301 42.55 -8.48 12.73
CA ARG B 301 43.78 -8.45 13.53
C ARG B 301 44.10 -7.03 14.00
N THR B 302 43.91 -6.03 13.13
CA THR B 302 44.24 -4.67 13.47
C THR B 302 43.03 -3.86 13.93
N SER B 303 41.93 -4.52 14.30
CA SER B 303 40.74 -3.81 14.75
C SER B 303 40.92 -3.28 16.17
N LEU B 304 39.93 -2.50 16.62
CA LEU B 304 39.98 -1.97 17.98
C LEU B 304 40.04 -3.10 19.01
N GLU B 305 39.30 -4.18 18.77
CA GLU B 305 39.28 -5.32 19.68
C GLU B 305 40.40 -6.32 19.44
N GLY B 306 41.02 -6.31 18.27
CA GLY B 306 41.94 -7.36 17.88
C GLY B 306 41.19 -8.62 17.50
N TYR B 307 41.88 -9.74 17.61
CA TYR B 307 41.30 -11.03 17.24
C TYR B 307 39.96 -11.31 17.92
N PRO B 308 39.74 -10.91 19.18
CA PRO B 308 38.45 -11.20 19.82
C PRO B 308 37.24 -10.62 19.10
N ALA B 309 37.42 -9.59 18.27
CA ALA B 309 36.28 -9.15 17.44
C ALA B 309 35.78 -10.30 16.58
N GLY B 310 36.66 -11.23 16.23
CA GLY B 310 36.32 -12.38 15.40
C GLY B 310 35.42 -13.39 16.07
N GLY B 311 35.23 -13.31 17.39
CA GLY B 311 34.22 -14.13 18.03
C GLY B 311 32.81 -13.78 17.60
N SER B 312 32.61 -12.59 17.06
CA SER B 312 31.31 -12.15 16.55
C SER B 312 31.24 -12.19 15.03
N LEU B 313 32.18 -12.90 14.39
CA LEU B 313 32.20 -13.11 12.94
C LEU B 313 32.30 -14.62 12.70
N PRO B 314 31.19 -15.36 12.92
CA PRO B 314 31.27 -16.81 13.10
C PRO B 314 31.25 -17.64 11.81
N TYR B 315 32.09 -17.28 10.86
CA TYR B 315 32.35 -18.09 9.67
C TYR B 315 33.28 -19.24 10.03
N SER B 316 32.79 -20.47 9.90
CA SER B 316 33.55 -21.63 10.35
C SER B 316 34.34 -22.24 9.20
N ILE B 317 35.45 -22.90 9.54
CA ILE B 317 36.28 -23.53 8.52
C ILE B 317 35.52 -24.65 7.82
N GLN B 318 34.64 -25.35 8.55
CA GLN B 318 33.84 -26.41 7.93
C GLN B 318 33.01 -25.87 6.79
N THR B 319 32.33 -24.73 7.01
CA THR B 319 31.57 -24.09 5.95
C THR B 319 32.47 -23.55 4.85
N ALA B 320 33.53 -22.84 5.22
CA ALA B 320 34.33 -22.12 4.23
C ALA B 320 35.03 -23.06 3.25
N GLU B 321 35.56 -24.18 3.73
CA GLU B 321 36.34 -25.05 2.86
C GLU B 321 35.49 -25.69 1.78
N LYS B 322 34.17 -25.76 1.97
CA LYS B 322 33.26 -26.30 0.97
C LYS B 322 32.94 -25.31 -0.14
N GLN B 323 33.32 -24.05 0.00
CA GLN B 323 32.86 -23.02 -0.93
C GLN B 323 33.94 -21.97 -1.15
N ASN B 324 35.17 -22.41 -1.44
CA ASN B 324 36.22 -21.46 -1.74
C ASN B 324 35.91 -20.60 -2.96
N TRP B 325 35.05 -21.07 -3.86
CA TRP B 325 34.63 -20.23 -4.98
C TRP B 325 34.07 -18.89 -4.50
N LEU B 326 33.45 -18.88 -3.31
CA LEU B 326 32.78 -17.67 -2.84
C LEU B 326 33.75 -16.53 -2.56
N HIS B 327 34.99 -16.84 -2.23
CA HIS B 327 35.85 -15.80 -1.66
C HIS B 327 36.39 -14.84 -2.71
N SER B 328 36.32 -15.18 -4.00
N SER B 328 36.32 -15.17 -4.00
CA SER B 328 36.65 -14.22 -5.05
CA SER B 328 36.67 -14.21 -5.03
C SER B 328 35.67 -13.06 -5.11
C SER B 328 35.69 -13.05 -5.10
N TYR B 329 34.54 -13.16 -4.43
CA TYR B 329 33.56 -12.07 -4.34
C TYR B 329 33.84 -11.13 -3.17
N PHE B 330 34.79 -11.46 -2.29
CA PHE B 330 34.90 -10.79 -1.01
C PHE B 330 35.71 -9.51 -1.12
N HIS B 331 35.23 -8.47 -0.43
CA HIS B 331 35.83 -7.16 -0.36
C HIS B 331 36.07 -6.80 1.11
N LYS B 332 37.12 -6.02 1.36
CA LYS B 332 37.50 -5.66 2.72
C LYS B 332 36.46 -4.77 3.40
N TRP B 333 36.47 -4.80 4.72
CA TRP B 333 35.75 -3.80 5.51
C TRP B 333 36.56 -2.52 5.54
N SER B 334 35.94 -1.42 5.12
CA SER B 334 36.56 -0.11 5.20
C SER B 334 35.44 0.89 5.45
N ALA B 335 35.65 1.78 6.41
CA ALA B 335 34.60 2.71 6.81
C ALA B 335 35.19 4.04 7.26
N GLU B 336 36.13 4.57 6.48
CA GLU B 336 36.69 5.89 6.77
C GLU B 336 35.61 6.94 6.88
N THR B 337 34.54 6.82 6.08
CA THR B 337 33.46 7.79 6.07
C THR B 337 32.85 7.98 7.45
N SER B 338 32.80 6.93 8.28
CA SER B 338 32.24 7.03 9.62
C SER B 338 33.28 6.79 10.70
N GLY B 339 34.56 6.83 10.36
CA GLY B 339 35.61 6.61 11.34
C GLY B 339 35.66 5.21 11.91
N ARG B 340 35.13 4.22 11.19
CA ARG B 340 34.86 2.92 11.80
C ARG B 340 35.60 1.78 11.11
N SER B 341 36.70 2.08 10.41
CA SER B 341 37.45 1.02 9.74
C SER B 341 37.96 -0.02 10.73
N ASN B 342 38.20 0.37 11.99
CA ASN B 342 38.66 -0.59 12.99
C ASN B 342 37.57 -1.07 13.94
N ALA B 343 36.30 -0.68 13.69
CA ALA B 343 35.17 -1.17 14.48
C ALA B 343 34.50 -2.25 13.64
N MET B 344 34.74 -3.52 14.00
CA MET B 344 34.33 -4.59 13.10
C MET B 344 32.82 -4.62 12.96
N PRO B 345 32.31 -4.94 11.77
CA PRO B 345 30.86 -4.85 11.55
C PRO B 345 30.10 -6.03 12.16
N HIS B 346 29.05 -5.69 12.89
CA HIS B 346 27.99 -6.65 13.21
C HIS B 346 26.68 -6.23 12.58
N ILE B 347 26.62 -5.02 12.04
CA ILE B 347 25.56 -4.61 11.13
C ILE B 347 25.55 -5.53 9.90
N LYS B 348 24.35 -5.70 9.30
CA LYS B 348 24.21 -6.31 7.98
C LYS B 348 23.44 -5.35 7.10
N THR B 349 23.93 -5.14 5.88
CA THR B 349 23.28 -4.20 4.97
C THR B 349 23.34 -4.77 3.56
N TYR B 350 22.35 -4.39 2.75
CA TYR B 350 22.32 -4.76 1.34
C TYR B 350 21.82 -3.54 0.59
N MET B 351 22.38 -3.29 -0.60
CA MET B 351 21.99 -2.08 -1.31
C MET B 351 22.33 -2.20 -2.79
N ARG B 352 21.80 -1.24 -3.55
CA ARG B 352 21.91 -1.25 -5.01
C ARG B 352 22.48 0.09 -5.48
N PRO B 353 23.81 0.22 -5.50
CA PRO B 353 24.41 1.49 -5.92
C PRO B 353 24.42 1.66 -7.43
N SER B 354 24.63 2.92 -7.84
CA SER B 354 24.82 3.23 -9.25
C SER B 354 26.22 2.80 -9.68
N PRO B 355 26.49 2.76 -10.99
CA PRO B 355 27.79 2.25 -11.42
C PRO B 355 28.97 3.05 -10.88
N ASP B 356 28.81 4.34 -10.59
CA ASP B 356 29.87 5.14 -9.99
C ASP B 356 29.68 5.33 -8.48
N PHE B 357 28.75 4.59 -7.87
CA PHE B 357 28.52 4.56 -6.42
C PHE B 357 28.12 5.91 -5.86
N SER B 358 27.62 6.83 -6.70
CA SER B 358 27.19 8.12 -6.19
C SER B 358 25.73 8.14 -5.79
N LYS B 359 24.96 7.14 -6.22
CA LYS B 359 23.54 7.03 -5.92
C LYS B 359 23.23 5.60 -5.50
N ILE B 360 22.09 5.41 -4.84
CA ILE B 360 21.60 4.06 -4.54
C ILE B 360 20.11 3.98 -4.85
N ALA B 361 19.68 2.84 -5.40
CA ALA B 361 18.28 2.59 -5.71
C ALA B 361 17.49 2.11 -4.51
N TRP B 362 18.17 1.55 -3.50
CA TRP B 362 17.52 1.16 -2.24
C TRP B 362 18.60 0.75 -1.26
N PHE B 363 18.20 0.67 0.01
CA PHE B 363 19.11 0.30 1.09
C PHE B 363 18.32 -0.51 2.11
N LEU B 364 18.91 -1.62 2.57
CA LEU B 364 18.31 -2.52 3.54
C LEU B 364 19.28 -2.69 4.70
N VAL B 365 18.80 -2.48 5.93
CA VAL B 365 19.55 -2.86 7.13
C VAL B 365 18.78 -3.98 7.82
N THR B 366 19.48 -5.01 8.25
CA THR B 366 18.77 -6.21 8.70
C THR B 366 19.65 -7.01 9.65
N SER B 367 19.03 -7.99 10.29
CA SER B 367 19.78 -8.99 11.03
C SER B 367 20.25 -10.15 10.15
N ALA B 368 19.80 -10.23 8.90
CA ALA B 368 20.04 -11.39 8.05
C ALA B 368 21.46 -11.40 7.48
N ASN B 369 22.22 -12.43 7.83
CA ASN B 369 23.51 -12.74 7.23
C ASN B 369 23.32 -13.40 5.87
N LEU B 370 24.45 -13.74 5.24
CA LEU B 370 24.42 -14.34 3.90
C LEU B 370 24.26 -15.85 4.06
N SER B 371 23.00 -16.26 4.25
CA SER B 371 22.70 -17.66 4.51
C SER B 371 21.32 -18.00 3.96
N LYS B 372 21.19 -19.23 3.48
CA LYS B 372 19.88 -19.76 3.11
C LYS B 372 18.94 -19.82 4.30
N ALA B 373 19.47 -20.07 5.49
CA ALA B 373 18.61 -20.15 6.67
C ALA B 373 17.89 -18.84 6.92
N ALA B 374 18.56 -17.73 6.67
CA ALA B 374 17.97 -16.42 6.93
C ALA B 374 17.09 -15.94 5.79
N TRP B 375 17.55 -16.13 4.56
CA TRP B 375 16.90 -15.55 3.40
C TRP B 375 15.90 -16.51 2.75
N GLY B 376 16.06 -17.81 2.96
CA GLY B 376 15.17 -18.78 2.36
C GLY B 376 15.80 -19.50 1.19
N ALA B 377 15.41 -20.76 1.01
CA ALA B 377 15.83 -21.57 -0.12
C ALA B 377 14.64 -22.30 -0.71
N LEU B 378 14.56 -22.31 -2.04
CA LEU B 378 13.45 -22.95 -2.73
C LEU B 378 13.58 -24.47 -2.65
N GLU B 379 12.43 -25.14 -2.49
CA GLU B 379 12.35 -26.59 -2.46
C GLU B 379 11.15 -27.03 -3.29
N LYS B 380 10.97 -28.34 -3.40
CA LYS B 380 9.86 -28.95 -4.12
C LYS B 380 9.72 -28.38 -5.53
N ASN B 381 10.81 -28.46 -6.28
CA ASN B 381 10.86 -28.03 -7.67
C ASN B 381 10.44 -26.57 -7.84
N GLY B 382 10.90 -25.73 -6.91
CA GLY B 382 10.66 -24.30 -7.00
C GLY B 382 9.33 -23.82 -6.49
N THR B 383 8.57 -24.67 -5.81
CA THR B 383 7.22 -24.33 -5.38
C THR B 383 7.14 -23.91 -3.91
N GLN B 384 8.18 -24.18 -3.13
CA GLN B 384 8.15 -23.99 -1.68
C GLN B 384 9.40 -23.21 -1.26
N LEU B 385 9.21 -22.19 -0.42
CA LEU B 385 10.33 -21.43 0.14
C LEU B 385 10.51 -21.85 1.60
N MET B 386 11.67 -22.42 1.90
CA MET B 386 11.98 -22.89 3.24
C MET B 386 12.89 -21.89 3.95
N ILE B 387 12.45 -21.41 5.11
CA ILE B 387 13.22 -20.50 5.96
C ILE B 387 13.38 -21.17 7.32
N ARG B 388 14.60 -21.09 7.88
CA ARG B 388 14.86 -21.72 9.17
C ARG B 388 14.76 -20.78 10.36
N SER B 389 15.00 -19.48 10.15
CA SER B 389 15.26 -18.55 11.24
C SER B 389 14.30 -17.37 11.25
N TYR B 390 14.25 -16.70 12.40
CA TYR B 390 13.63 -15.38 12.51
C TYR B 390 14.67 -14.30 12.18
N GLU B 391 14.31 -13.38 11.29
CA GLU B 391 15.16 -12.24 10.94
C GLU B 391 14.28 -11.02 10.74
N LEU B 392 14.88 -9.83 10.82
CA LEU B 392 14.05 -8.65 10.63
C LEU B 392 14.93 -7.49 10.18
N GLY B 393 14.45 -6.73 9.18
CA GLY B 393 15.14 -5.54 8.73
C GLY B 393 14.16 -4.53 8.15
N VAL B 394 14.68 -3.36 7.81
N VAL B 394 14.72 -3.42 7.68
CA VAL B 394 13.85 -2.32 7.21
CA VAL B 394 13.95 -2.27 7.25
C VAL B 394 14.49 -1.89 5.90
C VAL B 394 14.51 -1.78 5.92
N LEU B 395 13.63 -1.63 4.92
CA LEU B 395 14.04 -1.29 3.57
C LEU B 395 13.68 0.16 3.28
N PHE B 396 14.69 0.92 2.82
CA PHE B 396 14.54 2.31 2.41
C PHE B 396 14.44 2.34 0.88
N LEU B 397 13.27 2.73 0.38
CA LEU B 397 13.06 2.88 -1.06
C LEU B 397 12.83 4.34 -1.41
N PRO B 398 13.51 4.86 -2.44
CA PRO B 398 13.31 6.28 -2.81
C PRO B 398 11.86 6.68 -3.00
N SER B 399 11.04 5.80 -3.59
CA SER B 399 9.64 6.14 -3.82
C SER B 399 8.90 6.47 -2.52
N ALA B 400 9.27 5.82 -1.41
CA ALA B 400 8.63 6.12 -0.14
C ALA B 400 8.99 7.50 0.39
N PHE B 401 9.99 8.15 -0.22
CA PHE B 401 10.41 9.49 0.18
C PHE B 401 10.18 10.51 -0.93
N GLY B 402 9.45 10.13 -1.97
CA GLY B 402 9.19 11.05 -3.07
C GLY B 402 10.36 11.24 -4.00
N LEU B 403 11.31 10.31 -4.02
CA LEU B 403 12.54 10.44 -4.78
C LEU B 403 12.64 9.31 -5.80
N ASP B 404 13.49 9.53 -6.81
CA ASP B 404 13.81 8.50 -7.77
C ASP B 404 15.01 7.66 -7.33
N SER B 405 15.93 8.27 -6.60
CA SER B 405 17.08 7.56 -6.03
C SER B 405 17.58 8.35 -4.83
N PHE B 406 18.47 7.73 -4.06
CA PHE B 406 19.14 8.43 -2.97
C PHE B 406 20.55 8.83 -3.40
N LYS B 407 20.94 10.06 -3.06
CA LYS B 407 22.33 10.45 -3.13
C LYS B 407 23.08 9.85 -1.95
N VAL B 408 24.30 9.40 -2.18
CA VAL B 408 25.10 8.83 -1.09
C VAL B 408 25.76 9.97 -0.33
N LYS B 409 25.62 9.95 1.00
CA LYS B 409 26.21 10.97 1.85
C LYS B 409 27.74 10.85 1.84
N GLN B 410 28.42 11.97 1.57
CA GLN B 410 29.86 11.90 1.31
C GLN B 410 30.64 11.60 2.59
N LYS B 411 30.29 12.27 3.69
CA LYS B 411 30.82 11.97 5.00
C LYS B 411 29.66 11.67 5.93
N PHE B 412 29.72 10.50 6.61
CA PHE B 412 28.55 9.97 7.33
C PHE B 412 28.02 10.94 8.37
N PHE B 413 28.91 11.65 9.08
CA PHE B 413 28.51 12.50 10.18
C PHE B 413 28.48 13.98 9.83
N ALA B 414 29.09 14.38 8.72
CA ALA B 414 29.13 15.79 8.30
C ALA B 414 27.98 16.01 7.33
N GLY B 415 26.86 16.51 7.85
CA GLY B 415 25.70 16.81 7.03
C GLY B 415 25.80 18.10 6.24
N PRO B 419 21.91 18.80 2.18
CA PRO B 419 20.59 18.30 1.76
C PRO B 419 20.22 17.00 2.46
N MET B 420 18.92 16.71 2.56
CA MET B 420 18.42 15.50 3.20
C MET B 420 17.72 14.59 2.20
N ALA B 421 18.15 14.63 0.94
CA ALA B 421 17.88 13.58 -0.03
C ALA B 421 19.01 12.57 -0.11
N THR B 422 19.89 12.58 0.89
CA THR B 422 21.18 11.88 0.85
C THR B 422 21.26 10.85 1.97
N PHE B 423 21.52 9.64 1.58
CA PHE B 423 21.43 8.53 2.52
C PHE B 423 22.77 8.26 3.17
N PRO B 424 22.81 8.10 4.49
CA PRO B 424 24.09 7.87 5.19
C PRO B 424 24.56 6.42 5.13
N VAL B 425 25.23 6.08 4.04
CA VAL B 425 25.87 4.75 3.95
C VAL B 425 27.05 4.71 4.90
N PRO B 426 27.15 3.71 5.78
CA PRO B 426 28.15 3.75 6.86
C PRO B 426 29.54 3.24 6.51
N TYR B 427 29.77 2.71 5.32
CA TYR B 427 31.09 2.24 4.92
C TYR B 427 31.44 2.82 3.57
N ASP B 428 32.70 2.61 3.18
CA ASP B 428 33.28 3.31 2.04
C ASP B 428 32.88 2.66 0.73
N LEU B 429 32.66 3.50 -0.29
CA LEU B 429 32.41 3.05 -1.65
C LEU B 429 33.41 3.69 -2.60
N PRO B 430 33.87 2.96 -3.62
CA PRO B 430 33.55 1.55 -3.89
C PRO B 430 34.21 0.64 -2.86
N PRO B 431 33.67 -0.57 -2.68
CA PRO B 431 34.37 -1.53 -1.83
C PRO B 431 35.66 -2.00 -2.49
N GLU B 432 36.65 -2.30 -1.66
CA GLU B 432 37.98 -2.70 -2.13
C GLU B 432 38.12 -4.23 -2.09
N LEU B 433 38.51 -4.81 -3.22
CA LEU B 433 38.69 -6.25 -3.30
C LEU B 433 39.81 -6.71 -2.36
N TYR B 434 39.65 -7.91 -1.81
CA TYR B 434 40.74 -8.55 -1.07
C TYR B 434 42.00 -8.56 -1.93
N GLY B 435 43.14 -8.35 -1.29
CA GLY B 435 44.42 -8.58 -1.93
C GLY B 435 44.68 -10.07 -2.08
N SER B 436 45.68 -10.40 -2.91
CA SER B 436 45.97 -11.81 -3.16
C SER B 436 46.42 -12.56 -1.92
N LYS B 437 46.93 -11.84 -0.91
CA LYS B 437 47.33 -12.48 0.35
C LYS B 437 46.25 -12.42 1.41
N ASP B 438 45.16 -11.69 1.19
CA ASP B 438 44.08 -11.63 2.17
C ASP B 438 43.28 -12.93 2.19
N ARG B 439 42.73 -13.25 3.36
CA ARG B 439 41.84 -14.38 3.56
C ARG B 439 40.63 -13.93 4.36
N PRO B 440 39.47 -14.54 4.15
CA PRO B 440 38.31 -14.18 4.97
C PRO B 440 38.57 -14.56 6.41
N TRP B 441 38.03 -13.78 7.34
CA TRP B 441 38.10 -14.19 8.73
C TRP B 441 37.34 -15.49 8.92
N ILE B 442 38.02 -16.47 9.52
CA ILE B 442 37.40 -17.75 9.88
C ILE B 442 37.64 -17.94 11.36
N TRP B 443 36.58 -18.12 12.14
CA TRP B 443 36.68 -17.90 13.58
C TRP B 443 37.31 -19.07 14.31
N ASN B 444 37.23 -20.28 13.77
CA ASN B 444 37.61 -21.47 14.54
C ASN B 444 38.89 -22.12 14.02
N ILE B 445 39.80 -21.33 13.47
CA ILE B 445 41.16 -21.77 13.21
C ILE B 445 42.10 -20.80 13.93
N PRO B 446 43.32 -21.21 14.21
CA PRO B 446 44.24 -20.34 14.96
C PRO B 446 44.96 -19.34 14.08
N TYR B 447 45.27 -18.20 14.67
CA TYR B 447 46.10 -17.16 14.04
C TYR B 447 47.23 -16.88 15.02
N VAL B 448 48.40 -17.44 14.72
CA VAL B 448 49.52 -17.46 15.67
C VAL B 448 50.79 -16.88 15.10
N LYS B 449 50.78 -16.40 13.86
CA LYS B 449 52.00 -15.87 13.24
C LYS B 449 52.15 -14.37 13.39
N ALA B 450 51.06 -13.64 13.68
CA ALA B 450 51.13 -12.20 13.80
C ALA B 450 50.23 -11.71 14.93
N PRO B 451 50.78 -11.05 15.94
CA PRO B 451 49.95 -10.58 17.05
C PRO B 451 48.98 -9.51 16.60
N ASP B 452 47.89 -9.37 17.36
CA ASP B 452 46.87 -8.38 17.03
C ASP B 452 47.15 -7.05 17.72
N THR B 453 46.14 -6.17 17.67
CA THR B 453 46.19 -4.85 18.29
C THR B 453 46.67 -4.87 19.74
N HIS B 454 46.32 -5.91 20.49
CA HIS B 454 46.66 -5.98 21.91
C HIS B 454 47.81 -6.92 22.18
N GLY B 455 48.57 -7.28 21.14
CA GLY B 455 49.73 -8.13 21.30
C GLY B 455 49.43 -9.60 21.50
N ASN B 456 48.23 -10.05 21.16
CA ASN B 456 47.75 -11.39 21.43
C ASN B 456 47.63 -12.20 20.15
N MET B 457 47.67 -13.53 20.31
CA MET B 457 47.34 -14.48 19.26
C MET B 457 45.93 -15.00 19.47
N TRP B 458 45.42 -15.72 18.47
CA TRP B 458 44.06 -16.26 18.49
C TRP B 458 44.12 -17.77 18.43
N VAL B 459 43.68 -18.43 19.50
CA VAL B 459 43.68 -19.89 19.57
C VAL B 459 42.32 -20.37 20.08
N PRO B 460 41.36 -20.68 19.20
CA PRO B 460 39.98 -21.06 19.53
C PRO B 460 39.82 -22.53 19.93
C4 GHM C . -23.60 8.24 -21.00
C5 GHM C . -23.87 8.04 -19.66
C6 GHM C . -23.44 9.10 -18.64
C7 GHM C . -24.51 6.89 -19.25
C8 GHM C . -24.84 6.63 -17.78
C9 GHM C . -24.88 5.93 -20.19
C3 GHM C . -23.96 7.29 -21.94
C1 GHM C . -25.02 5.07 -22.53
C2 GHM C . -24.60 6.14 -21.53
O1 GHM C . -25.21 3.89 -22.14
O2 GHM C . -25.18 5.38 -23.73
O3 GHM C . -22.22 9.30 -18.44
O4 GHM C . -24.30 9.77 -18.01
O5 GHM C . -23.97 6.86 -16.90
O6 GHM C . -25.98 6.22 -17.43
C1 EDO D . -14.72 0.49 -13.00
O1 EDO D . -13.33 0.77 -13.09
C2 EDO D . -15.20 0.69 -11.57
O2 EDO D . -14.89 2.00 -11.10
C1 EDO E . -2.93 22.61 -13.82
O1 EDO E . -3.01 23.21 -15.13
C2 EDO E . -3.60 23.56 -12.84
O2 EDO E . -2.81 24.76 -12.72
C1 EDO F . -30.75 1.48 4.10
O1 EDO F . -30.01 0.55 3.30
C2 EDO F . -31.77 0.75 4.97
O2 EDO F . -32.46 -0.24 4.19
C1 EDO G . 6.16 12.57 -5.16
O1 EDO G . 4.83 12.72 -5.66
C2 EDO G . 6.53 13.80 -4.33
O2 EDO G . 5.62 13.93 -3.22
C4 GHM H . 24.09 -15.33 16.11
C5 GHM H . 24.35 -14.11 15.53
C6 GHM H . 23.76 -12.85 16.16
C7 GHM H . 25.12 -14.05 14.38
C8 GHM H . 25.42 -12.70 13.72
C9 GHM H . 25.64 -15.22 13.83
C3 GHM H . 24.61 -16.49 15.57
C1 GHM H . 25.96 -17.71 13.81
C2 GHM H . 25.38 -16.43 14.42
O1 GHM H . 26.19 -18.70 14.54
O2 GHM H . 26.19 -17.77 12.57
O3 GHM H . 24.50 -11.94 16.62
O4 GHM H . 22.51 -12.71 16.23
O5 GHM H . 26.59 -12.40 13.39
O6 GHM H . 24.48 -11.91 13.52
C1 EDO I . 15.53 -11.05 5.88
O1 EDO I . 14.11 -11.18 6.01
C2 EDO I . 15.88 -9.59 5.56
O2 EDO I . 15.42 -8.73 6.61
C1 EDO J . 4.96 -9.03 6.87
O1 EDO J . 6.13 -8.31 6.44
C2 EDO J . 4.67 -10.16 5.90
O2 EDO J . 4.58 -9.60 4.58
C1 EDO K . 31.23 7.63 1.13
O1 EDO K . 32.10 6.61 0.58
C2 EDO K . 30.23 6.95 2.04
O2 EDO K . 29.89 5.65 1.50
C1 EDO L . -7.44 -0.68 14.38
O1 EDO L . -6.84 0.57 13.99
C2 EDO L . -6.83 -1.78 13.53
O2 EDO L . -5.40 -1.66 13.57
C1 EDO M . 39.75 -19.51 3.42
O1 EDO M . 40.99 -19.44 2.72
C2 EDO M . 38.87 -20.65 2.89
O2 EDO M . 39.22 -21.92 3.46
C1 EDO N . 34.69 -25.06 -3.72
O1 EDO N . 35.33 -23.95 -4.37
C2 EDO N . 35.71 -25.85 -2.90
O2 EDO N . 36.18 -25.08 -1.79
#